data_4C5I
#
_entry.id   4C5I
#
_cell.length_a   70.360
_cell.length_b   104.710
_cell.length_c   135.520
_cell.angle_alpha   90.00
_cell.angle_beta   90.00
_cell.angle_gamma   90.00
#
_symmetry.space_group_name_H-M   'P 21 21 21'
#
loop_
_entity.id
_entity.type
_entity.pdbx_description
1 polymer 'MBT DOMAIN-CONTAINING PROTEIN 1'
2 polymer 'TRANSCRIPTIONAL REPRESSOR PROTEIN YY1'
3 water water
#
loop_
_entity_poly.entity_id
_entity_poly.type
_entity_poly.pdbx_seq_one_letter_code
_entity_poly.pdbx_strand_id
1 'polypeptide(L)'
;GAMAKTKAAVSMEGFSWGNYINSNSFIAAPVTCFKHAPMGTCWGDISENVRVEVPNTDCSLPTKVFWIAGIVKLAGYNAL
LRYEGFENDSGLDFWCNICGSDIHPVGWCAASGKPLVPPRTIQHKYTNWKAFLVKRLTGAKTLPPDFSQKVSESMQYPFK
PCMRVEVVDKRHLCRTRVAVVESVIGGRLRLVYEESEDRTDDFWCHMHSPLIHHIGWSRSIGHRFKRSDITKKQDGHFDT
PPHLFAKVKEVDQSGEWFKEGMKLEAIDPLNLSTICVATIRKVLADGFLMIGIDGSEAADGSDWFCYHATSPSIFPVGFC
EINMIELTPPRGYTKLPFKWFDYLRETGSIAAPVKLFNKDVPNHGFRVGMKLEAVDLMEPRLICVATVTRIIHRLLRIHF
DGWEEEYDQWVDCESPDLYPVGWCQLTGYQLQPPASQSSR
;
A,B
2 'polypeptide(L)' DPGNKKWEQKQVQIKTLEGEFSVTMWSSDE C
#
# COMPACT_ATOMS: atom_id res chain seq x y z
N ALA A 9 32.36 0.83 -6.99
CA ALA A 9 31.75 2.13 -7.25
C ALA A 9 32.12 2.66 -8.64
N VAL A 10 32.53 1.75 -9.52
CA VAL A 10 32.90 2.12 -10.88
C VAL A 10 31.96 1.47 -11.89
N SER A 11 30.92 2.20 -12.28
CA SER A 11 29.93 1.69 -13.23
C SER A 11 30.30 2.09 -14.66
N MET A 12 30.67 1.11 -15.48
CA MET A 12 31.16 1.39 -16.82
C MET A 12 30.23 0.83 -17.91
N GLU A 13 28.97 0.61 -17.56
CA GLU A 13 27.99 0.13 -18.53
C GLU A 13 26.80 1.07 -18.63
N GLY A 14 26.01 0.89 -19.68
CA GLY A 14 24.79 1.67 -19.86
C GLY A 14 23.73 1.27 -18.85
N PHE A 15 22.55 1.87 -18.96
CA PHE A 15 21.49 1.59 -18.01
C PHE A 15 20.75 0.28 -18.30
N SER A 16 20.41 -0.43 -17.24
CA SER A 16 19.53 -1.59 -17.32
C SER A 16 18.74 -1.69 -16.02
N TRP A 17 17.45 -2.00 -16.14
CA TRP A 17 16.59 -2.12 -14.97
C TRP A 17 17.11 -3.18 -13.99
N GLY A 18 17.66 -4.26 -14.54
CA GLY A 18 18.16 -5.36 -13.74
C GLY A 18 19.23 -4.95 -12.75
N ASN A 19 20.32 -4.38 -13.25
CA ASN A 19 21.42 -3.94 -12.40
C ASN A 19 21.02 -2.79 -11.49
N TYR A 20 20.14 -1.93 -11.98
CA TYR A 20 19.65 -0.79 -11.22
C TYR A 20 18.90 -1.25 -9.98
N ILE A 21 18.11 -2.31 -10.15
CA ILE A 21 17.29 -2.85 -9.06
C ILE A 21 18.13 -3.69 -8.08
N ASN A 22 19.00 -4.54 -8.62
CA ASN A 22 19.85 -5.37 -7.78
C ASN A 22 20.82 -4.55 -6.92
N SER A 23 21.46 -3.56 -7.53
CA SER A 23 22.47 -2.76 -6.85
C SER A 23 21.94 -2.02 -5.63
N ASN A 24 20.78 -1.39 -5.78
CA ASN A 24 20.22 -0.57 -4.71
C ASN A 24 19.09 -1.25 -3.95
N SER A 25 18.82 -2.51 -4.29
CA SER A 25 17.75 -3.29 -3.67
C SER A 25 16.40 -2.60 -3.83
N PHE A 26 16.09 -2.18 -5.05
CA PHE A 26 14.85 -1.47 -5.34
C PHE A 26 13.64 -2.40 -5.40
N ILE A 27 12.46 -1.80 -5.41
CA ILE A 27 11.22 -2.54 -5.56
C ILE A 27 10.41 -1.94 -6.71
N ALA A 28 9.94 -2.80 -7.60
CA ALA A 28 9.17 -2.35 -8.75
C ALA A 28 7.68 -2.64 -8.56
N ALA A 29 6.84 -1.70 -9.00
CA ALA A 29 5.40 -1.92 -8.96
C ALA A 29 5.05 -3.04 -9.93
N PRO A 30 4.35 -4.07 -9.42
CA PRO A 30 3.94 -5.21 -10.25
C PRO A 30 3.02 -4.79 -11.41
N VAL A 31 2.96 -5.62 -12.44
CA VAL A 31 2.14 -5.37 -13.61
C VAL A 31 0.67 -5.19 -13.22
N THR A 32 0.30 -5.83 -12.12
CA THR A 32 -1.06 -5.76 -11.58
C THR A 32 -1.55 -4.33 -11.35
N CYS A 33 -0.63 -3.44 -10.96
CA CYS A 33 -0.98 -2.05 -10.62
C CYS A 33 -1.36 -1.20 -11.84
N PHE A 34 -1.27 -1.77 -13.03
CA PHE A 34 -1.51 -1.02 -14.26
C PHE A 34 -2.56 -1.71 -15.13
N LYS A 35 -3.81 -1.32 -14.95
CA LYS A 35 -4.93 -1.94 -15.65
C LYS A 35 -4.80 -1.80 -17.17
N HIS A 36 -4.38 -0.61 -17.60
CA HIS A 36 -4.25 -0.30 -19.03
C HIS A 36 -3.10 -1.05 -19.68
N ALA A 37 -2.11 -1.44 -18.88
CA ALA A 37 -0.90 -2.07 -19.40
C ALA A 37 -1.19 -3.46 -19.95
N PRO A 38 -0.40 -3.90 -20.95
CA PRO A 38 -0.50 -5.26 -21.49
C PRO A 38 -0.39 -6.31 -20.39
N MET A 39 -1.25 -7.32 -20.45
CA MET A 39 -1.30 -8.39 -19.46
C MET A 39 -1.59 -7.87 -18.05
N GLY A 40 -2.14 -6.66 -17.98
CA GLY A 40 -2.42 -6.03 -16.70
C GLY A 40 -3.52 -6.73 -15.92
N THR A 41 -4.35 -7.50 -16.63
CA THR A 41 -5.48 -8.18 -16.01
C THR A 41 -5.32 -9.70 -16.05
N CYS A 42 -4.32 -10.17 -16.79
CA CYS A 42 -4.03 -11.60 -16.88
C CYS A 42 -2.64 -11.90 -16.33
N TRP A 43 -2.41 -11.50 -15.08
CA TRP A 43 -1.07 -11.55 -14.48
C TRP A 43 -1.07 -12.26 -13.14
N GLY A 44 -2.26 -12.65 -12.67
CA GLY A 44 -2.41 -13.24 -11.35
C GLY A 44 -1.61 -14.52 -11.10
N ASP A 45 -1.27 -15.23 -12.16
CA ASP A 45 -0.55 -16.49 -12.04
C ASP A 45 0.96 -16.30 -12.01
N ILE A 46 1.44 -15.24 -12.67
CA ILE A 46 2.86 -14.91 -12.66
C ILE A 46 3.32 -14.57 -11.25
N SER A 47 4.34 -15.26 -10.77
CA SER A 47 4.85 -15.06 -9.43
C SER A 47 6.23 -15.68 -9.28
N GLU A 48 6.84 -15.49 -8.11
CA GLU A 48 8.14 -16.09 -7.84
C GLU A 48 8.01 -17.61 -7.73
N ASN A 49 9.13 -18.30 -8.02
CA ASN A 49 9.18 -19.76 -8.02
C ASN A 49 8.39 -20.43 -9.15
N VAL A 50 7.79 -19.62 -10.02
CA VAL A 50 7.15 -20.14 -11.22
C VAL A 50 8.21 -20.61 -12.21
N ARG A 51 8.09 -21.85 -12.67
CA ARG A 51 9.07 -22.42 -13.60
C ARG A 51 8.71 -22.14 -15.05
N VAL A 52 9.73 -21.86 -15.86
CA VAL A 52 9.55 -21.63 -17.28
C VAL A 52 10.63 -22.34 -18.08
N GLU A 53 10.48 -22.33 -19.40
CA GLU A 53 11.52 -22.84 -20.28
C GLU A 53 12.14 -21.71 -21.08
N VAL A 54 13.46 -21.57 -20.94
CA VAL A 54 14.19 -20.50 -21.59
C VAL A 54 15.44 -21.06 -22.24
N PRO A 55 15.96 -20.37 -23.27
CA PRO A 55 17.22 -20.77 -23.91
C PRO A 55 18.36 -20.93 -22.89
N ASN A 56 19.16 -21.98 -23.08
CA ASN A 56 20.32 -22.22 -22.23
C ASN A 56 21.58 -21.59 -22.83
N THR A 57 22.00 -20.47 -22.25
CA THR A 57 23.18 -19.76 -22.74
C THR A 57 24.47 -20.42 -22.26
N ASP A 58 24.35 -21.35 -21.33
CA ASP A 58 25.51 -22.05 -20.80
C ASP A 58 25.81 -23.29 -21.64
N CYS A 59 25.95 -23.09 -22.94
CA CYS A 59 26.23 -24.17 -23.87
C CYS A 59 27.31 -23.77 -24.85
N SER A 60 28.35 -24.59 -24.96
CA SER A 60 29.42 -24.36 -25.93
C SER A 60 28.94 -24.70 -27.33
N LEU A 61 27.76 -25.31 -27.41
CA LEU A 61 27.15 -25.69 -28.67
C LEU A 61 26.93 -24.48 -29.56
N PRO A 62 27.12 -24.65 -30.88
CA PRO A 62 26.91 -23.57 -31.84
C PRO A 62 25.43 -23.28 -32.04
N THR A 63 24.57 -24.21 -31.65
CA THR A 63 23.13 -24.06 -31.82
C THR A 63 22.47 -23.54 -30.54
N LYS A 64 21.15 -23.61 -30.49
CA LYS A 64 20.40 -23.13 -29.33
C LYS A 64 19.48 -24.21 -28.75
N VAL A 65 19.50 -24.32 -27.43
CA VAL A 65 18.65 -25.27 -26.72
C VAL A 65 18.09 -24.66 -25.44
N PHE A 66 17.14 -25.35 -24.82
CA PHE A 66 16.43 -24.81 -23.67
C PHE A 66 16.73 -25.53 -22.35
N TRP A 67 16.27 -24.95 -21.25
CA TRP A 67 16.36 -25.58 -19.93
C TRP A 67 15.30 -24.97 -19.02
N ILE A 68 15.05 -25.61 -17.88
CA ILE A 68 14.09 -25.10 -16.91
C ILE A 68 14.72 -24.01 -16.04
N ALA A 69 13.97 -22.94 -15.81
CA ALA A 69 14.43 -21.86 -14.96
C ALA A 69 13.32 -21.37 -14.04
N GLY A 70 13.68 -21.03 -12.81
CA GLY A 70 12.71 -20.52 -11.85
C GLY A 70 12.87 -19.02 -11.65
N ILE A 71 11.75 -18.35 -11.38
CA ILE A 71 11.77 -16.91 -11.15
C ILE A 71 12.27 -16.58 -9.75
N VAL A 72 13.42 -15.94 -9.67
CA VAL A 72 14.00 -15.56 -8.38
C VAL A 72 13.42 -14.23 -7.91
N LYS A 73 13.26 -13.31 -8.86
CA LYS A 73 12.85 -11.95 -8.55
C LYS A 73 12.00 -11.43 -9.70
N LEU A 74 10.89 -10.77 -9.36
CA LEU A 74 9.98 -10.26 -10.37
C LEU A 74 9.83 -8.75 -10.24
N ALA A 75 10.20 -8.03 -11.30
CA ALA A 75 10.10 -6.58 -11.31
C ALA A 75 9.38 -6.11 -12.56
N GLY A 76 8.08 -5.87 -12.44
CA GLY A 76 7.26 -5.50 -13.58
C GLY A 76 7.19 -6.66 -14.56
N TYR A 77 7.61 -6.41 -15.80
CA TYR A 77 7.66 -7.46 -16.80
C TYR A 77 8.97 -8.25 -16.70
N ASN A 78 9.97 -7.62 -16.08
CA ASN A 78 11.28 -8.24 -15.96
C ASN A 78 11.34 -9.28 -14.84
N ALA A 79 11.86 -10.46 -15.16
CA ALA A 79 12.00 -11.53 -14.19
C ALA A 79 13.44 -11.99 -14.08
N LEU A 80 13.90 -12.17 -12.85
CA LEU A 80 15.24 -12.70 -12.61
C LEU A 80 15.18 -14.23 -12.55
N LEU A 81 15.86 -14.87 -13.48
CA LEU A 81 15.79 -16.32 -13.61
C LEU A 81 17.03 -17.04 -13.11
N ARG A 82 16.81 -18.23 -12.56
CA ARG A 82 17.90 -19.12 -12.16
C ARG A 82 17.62 -20.50 -12.73
N TYR A 83 18.58 -21.01 -13.50
CA TYR A 83 18.46 -22.36 -14.07
C TYR A 83 18.22 -23.39 -12.98
N GLU A 84 17.32 -24.32 -13.24
CA GLU A 84 17.01 -25.38 -12.29
C GLU A 84 18.25 -26.24 -12.04
N GLY A 85 18.62 -26.39 -10.77
CA GLY A 85 19.78 -27.17 -10.41
C GLY A 85 20.89 -26.35 -9.77
N PHE A 86 20.73 -25.03 -9.80
CA PHE A 86 21.70 -24.14 -9.19
C PHE A 86 21.42 -23.94 -7.70
N GLU A 87 20.18 -24.21 -7.29
CA GLU A 87 19.75 -24.05 -5.91
C GLU A 87 19.94 -22.62 -5.40
N ASN A 88 20.97 -22.40 -4.58
CA ASN A 88 21.23 -21.09 -4.01
C ASN A 88 22.37 -20.38 -4.72
N ASP A 89 22.96 -21.05 -5.71
CA ASP A 89 24.04 -20.48 -6.51
C ASP A 89 23.47 -19.45 -7.48
N SER A 90 23.77 -18.18 -7.23
CA SER A 90 23.27 -17.09 -8.07
C SER A 90 24.31 -16.67 -9.10
N GLY A 91 25.28 -17.54 -9.35
CA GLY A 91 26.38 -17.24 -10.24
C GLY A 91 25.98 -16.99 -11.68
N LEU A 92 24.94 -17.67 -12.13
CA LEU A 92 24.46 -17.52 -13.50
C LEU A 92 23.04 -16.96 -13.59
N ASP A 93 22.63 -16.21 -12.57
CA ASP A 93 21.32 -15.55 -12.60
C ASP A 93 21.27 -14.52 -13.72
N PHE A 94 20.19 -14.55 -14.49
CA PHE A 94 20.06 -13.64 -15.63
C PHE A 94 18.68 -13.01 -15.71
N TRP A 95 18.64 -11.77 -16.18
CA TRP A 95 17.38 -11.04 -16.33
C TRP A 95 16.76 -11.28 -17.69
N CYS A 96 15.44 -11.18 -17.75
CA CYS A 96 14.71 -11.36 -19.00
C CYS A 96 13.33 -10.72 -18.89
N ASN A 97 12.75 -10.40 -20.03
CA ASN A 97 11.35 -10.01 -20.08
C ASN A 97 10.52 -11.27 -20.11
N ILE A 98 9.75 -11.52 -19.05
CA ILE A 98 9.00 -12.76 -18.91
C ILE A 98 7.93 -12.91 -20.00
N CYS A 99 7.61 -11.82 -20.68
CA CYS A 99 6.68 -11.86 -21.80
C CYS A 99 7.45 -11.95 -23.12
N GLY A 100 8.75 -12.18 -23.03
CA GLY A 100 9.61 -12.29 -24.19
C GLY A 100 9.26 -13.47 -25.07
N SER A 101 9.75 -13.46 -26.31
CA SER A 101 9.44 -14.49 -27.27
C SER A 101 10.04 -15.85 -26.91
N ASP A 102 11.22 -15.83 -26.30
CA ASP A 102 11.94 -17.06 -25.97
C ASP A 102 11.44 -17.74 -24.71
N ILE A 103 10.62 -17.05 -23.93
CA ILE A 103 10.06 -17.63 -22.71
C ILE A 103 8.81 -18.44 -23.05
N HIS A 104 8.84 -19.73 -22.70
CA HIS A 104 7.74 -20.63 -22.98
C HIS A 104 7.31 -21.35 -21.70
N PRO A 105 6.11 -21.96 -21.71
CA PRO A 105 5.80 -22.87 -20.60
C PRO A 105 6.67 -24.12 -20.68
N VAL A 106 6.60 -24.96 -19.67
CA VAL A 106 7.54 -26.08 -19.51
C VAL A 106 7.27 -27.24 -20.48
N GLY A 107 6.01 -27.44 -20.86
CA GLY A 107 5.67 -28.51 -21.78
C GLY A 107 6.08 -28.21 -23.21
N TRP A 108 6.39 -26.94 -23.48
CA TRP A 108 6.57 -26.47 -24.85
C TRP A 108 7.76 -27.08 -25.60
N CYS A 109 8.85 -27.38 -24.90
CA CYS A 109 10.07 -27.83 -25.58
C CYS A 109 9.98 -29.26 -26.08
N ALA A 110 9.41 -30.15 -25.27
CA ALA A 110 9.35 -31.56 -25.61
C ALA A 110 8.11 -31.93 -26.41
N ALA A 111 6.97 -31.35 -26.04
CA ALA A 111 5.73 -31.58 -26.76
C ALA A 111 5.86 -31.07 -28.19
N SER A 112 6.83 -30.21 -28.43
CA SER A 112 7.17 -29.76 -29.77
C SER A 112 8.37 -30.54 -30.31
N GLY A 113 9.10 -31.19 -29.42
CA GLY A 113 10.12 -32.14 -29.81
C GLY A 113 11.57 -31.69 -29.76
N LYS A 114 11.89 -30.71 -28.91
CA LYS A 114 13.28 -30.28 -28.74
C LYS A 114 13.82 -30.68 -27.37
N PRO A 115 15.10 -31.11 -27.33
CA PRO A 115 15.70 -31.64 -26.10
C PRO A 115 16.14 -30.56 -25.12
N LEU A 116 15.84 -30.77 -23.84
CA LEU A 116 16.32 -29.89 -22.79
C LEU A 116 17.76 -30.23 -22.45
N VAL A 117 18.65 -29.28 -22.63
CA VAL A 117 20.07 -29.49 -22.35
C VAL A 117 20.50 -28.74 -21.09
N PRO A 118 20.99 -29.48 -20.08
CA PRO A 118 21.46 -28.89 -18.84
C PRO A 118 22.59 -27.89 -19.06
N PRO A 119 22.65 -26.83 -18.26
CA PRO A 119 23.76 -25.87 -18.32
C PRO A 119 25.10 -26.60 -18.14
N ARG A 120 26.13 -26.10 -18.81
CA ARG A 120 27.45 -26.72 -18.76
C ARG A 120 28.05 -26.72 -17.34
N THR A 121 27.66 -25.73 -16.56
CA THR A 121 28.19 -25.56 -15.21
C THR A 121 27.75 -26.68 -14.27
N ILE A 122 26.53 -27.17 -14.44
CA ILE A 122 25.99 -28.20 -13.55
C ILE A 122 25.73 -29.52 -14.26
N GLN A 123 26.40 -29.73 -15.40
CA GLN A 123 26.24 -30.95 -16.17
C GLN A 123 26.61 -32.20 -15.36
N HIS A 124 27.54 -32.03 -14.43
CA HIS A 124 27.99 -33.15 -13.59
C HIS A 124 27.72 -32.87 -12.11
N LYS A 125 26.71 -32.06 -11.85
CA LYS A 125 26.27 -31.80 -10.48
C LYS A 125 25.27 -32.87 -10.07
N TYR A 126 24.55 -33.39 -11.08
CA TYR A 126 23.61 -34.48 -10.89
C TYR A 126 23.82 -35.50 -12.00
N THR A 127 23.67 -36.78 -11.67
CA THR A 127 23.89 -37.85 -12.65
C THR A 127 22.63 -38.14 -13.46
N ASN A 128 21.55 -38.50 -12.76
CA ASN A 128 20.29 -38.86 -13.42
C ASN A 128 19.38 -37.65 -13.58
N TRP A 129 19.24 -37.18 -14.81
CA TRP A 129 18.46 -35.97 -15.09
C TRP A 129 16.96 -36.23 -15.21
N LYS A 130 16.59 -37.42 -15.68
CA LYS A 130 15.20 -37.80 -15.75
C LYS A 130 14.59 -37.82 -14.35
N ALA A 131 15.30 -38.46 -13.42
CA ALA A 131 14.85 -38.52 -12.02
C ALA A 131 14.90 -37.14 -11.39
N PHE A 132 15.92 -36.37 -11.74
CA PHE A 132 16.10 -35.01 -11.24
C PHE A 132 14.89 -34.14 -11.57
N LEU A 133 14.58 -34.04 -12.86
CA LEU A 133 13.49 -33.20 -13.32
C LEU A 133 12.12 -33.69 -12.83
N VAL A 134 11.96 -35.00 -12.68
CA VAL A 134 10.72 -35.55 -12.17
C VAL A 134 10.47 -35.13 -10.72
N LYS A 135 11.52 -35.18 -9.90
CA LYS A 135 11.40 -34.79 -8.50
C LYS A 135 11.19 -33.28 -8.34
N ARG A 136 11.82 -32.50 -9.22
CA ARG A 136 11.78 -31.06 -9.12
C ARG A 136 10.50 -30.45 -9.71
N LEU A 137 10.09 -30.96 -10.87
CA LEU A 137 9.00 -30.33 -11.61
C LEU A 137 7.60 -30.84 -11.23
N THR A 138 7.52 -32.01 -10.60
CA THR A 138 6.21 -32.56 -10.27
C THR A 138 5.40 -31.63 -9.36
N GLY A 139 4.22 -31.23 -9.84
CA GLY A 139 3.35 -30.34 -9.10
C GLY A 139 3.86 -28.91 -9.01
N ALA A 140 4.80 -28.55 -9.87
CA ALA A 140 5.35 -27.19 -9.88
C ALA A 140 4.49 -26.24 -10.69
N LYS A 141 4.44 -24.98 -10.26
CA LYS A 141 3.70 -23.94 -10.97
C LYS A 141 4.44 -23.52 -12.23
N THR A 142 3.69 -23.30 -13.31
CA THR A 142 4.27 -22.78 -14.55
C THR A 142 3.33 -21.77 -15.20
N LEU A 143 3.56 -21.49 -16.48
CA LEU A 143 2.76 -20.51 -17.21
C LEU A 143 1.38 -21.06 -17.58
N PRO A 144 0.33 -20.23 -17.42
CA PRO A 144 -1.05 -20.56 -17.75
C PRO A 144 -1.19 -21.07 -19.18
N PRO A 145 -2.26 -21.82 -19.49
CA PRO A 145 -2.49 -22.29 -20.86
C PRO A 145 -2.72 -21.12 -21.81
N ASP A 146 -2.31 -21.28 -23.06
CA ASP A 146 -2.32 -20.21 -24.07
C ASP A 146 -1.83 -18.87 -23.52
N PHE A 147 -0.68 -18.89 -22.85
CA PHE A 147 -0.10 -17.69 -22.28
C PHE A 147 0.59 -16.85 -23.35
N SER A 148 1.24 -17.52 -24.29
CA SER A 148 1.91 -16.86 -25.41
C SER A 148 0.89 -16.17 -26.30
N GLN A 149 -0.32 -16.73 -26.34
CA GLN A 149 -1.41 -16.16 -27.10
C GLN A 149 -1.91 -14.90 -26.41
N LYS A 150 -1.98 -14.97 -25.08
CA LYS A 150 -2.36 -13.81 -24.26
C LYS A 150 -1.41 -12.64 -24.51
N VAL A 151 -0.11 -12.94 -24.44
CA VAL A 151 0.93 -11.93 -24.64
C VAL A 151 0.82 -11.32 -26.04
N SER A 152 0.62 -12.17 -27.04
CA SER A 152 0.47 -11.72 -28.42
C SER A 152 -0.73 -10.78 -28.58
N GLU A 153 -1.88 -11.20 -28.05
CA GLU A 153 -3.11 -10.41 -28.15
C GLU A 153 -2.99 -9.06 -27.45
N SER A 154 -2.24 -9.03 -26.36
CA SER A 154 -2.04 -7.81 -25.60
C SER A 154 -1.26 -6.79 -26.42
N MET A 155 -0.51 -7.27 -27.40
CA MET A 155 0.29 -6.40 -28.25
C MET A 155 -0.49 -5.94 -29.49
N GLN A 156 -1.76 -6.32 -29.55
CA GLN A 156 -2.62 -5.94 -30.67
C GLN A 156 -3.67 -4.92 -30.21
N TYR A 157 -3.60 -3.72 -30.75
CA TYR A 157 -4.42 -2.61 -30.30
C TYR A 157 -5.47 -2.22 -31.32
N PRO A 158 -6.70 -1.93 -30.87
CA PRO A 158 -7.84 -1.60 -31.73
C PRO A 158 -7.65 -0.29 -32.49
N PHE A 159 -6.87 0.64 -31.94
CA PHE A 159 -6.60 1.90 -32.62
C PHE A 159 -5.61 1.70 -33.77
N LYS A 160 -6.09 1.92 -34.99
CA LYS A 160 -5.26 1.75 -36.17
C LYS A 160 -4.82 3.10 -36.71
N PRO A 161 -3.69 3.13 -37.44
CA PRO A 161 -3.25 4.35 -38.12
C PRO A 161 -4.30 4.89 -39.08
N CYS A 162 -4.18 6.16 -39.43
CA CYS A 162 -5.13 6.87 -40.29
C CYS A 162 -6.49 7.16 -39.64
N MET A 163 -6.63 6.81 -38.36
CA MET A 163 -7.86 7.09 -37.64
C MET A 163 -7.91 8.53 -37.16
N ARG A 164 -9.07 9.15 -37.30
CA ARG A 164 -9.27 10.55 -36.91
C ARG A 164 -9.91 10.65 -35.52
N VAL A 165 -9.36 11.51 -34.68
CA VAL A 165 -9.92 11.75 -33.35
C VAL A 165 -9.97 13.26 -33.07
N GLU A 166 -10.71 13.63 -32.03
CA GLU A 166 -10.70 15.01 -31.54
C GLU A 166 -9.82 15.09 -30.28
N VAL A 167 -8.90 16.04 -30.25
CA VAL A 167 -8.04 16.21 -29.09
C VAL A 167 -7.86 17.69 -28.76
N VAL A 168 -7.53 17.99 -27.50
CA VAL A 168 -7.34 19.35 -27.04
C VAL A 168 -6.27 20.06 -27.87
N ASP A 169 -6.46 21.36 -28.11
CA ASP A 169 -5.47 22.18 -28.78
C ASP A 169 -4.38 22.56 -27.80
N LYS A 170 -3.17 22.08 -28.08
CA LYS A 170 -2.03 22.25 -27.19
C LYS A 170 -1.73 23.71 -26.87
N ARG A 171 -1.96 24.58 -27.84
CA ARG A 171 -1.66 26.01 -27.68
C ARG A 171 -2.94 26.83 -27.51
N HIS A 172 -4.07 26.14 -27.42
CA HIS A 172 -5.36 26.80 -27.24
C HIS A 172 -6.29 25.83 -26.50
N LEU A 173 -6.04 25.69 -25.20
CA LEU A 173 -6.69 24.66 -24.37
C LEU A 173 -8.21 24.64 -24.41
N CYS A 174 -8.82 25.79 -24.69
CA CYS A 174 -10.28 25.91 -24.63
C CYS A 174 -10.98 25.20 -25.77
N ARG A 175 -10.25 24.88 -26.83
CA ARG A 175 -10.86 24.24 -27.99
C ARG A 175 -10.19 22.93 -28.37
N THR A 176 -10.93 22.09 -29.10
CA THR A 176 -10.40 20.85 -29.63
C THR A 176 -10.15 21.00 -31.12
N ARG A 177 -9.34 20.12 -31.68
CA ARG A 177 -9.10 20.08 -33.12
C ARG A 177 -8.83 18.64 -33.53
N VAL A 178 -9.06 18.35 -34.80
CA VAL A 178 -8.92 16.98 -35.29
C VAL A 178 -7.46 16.59 -35.49
N ALA A 179 -7.06 15.47 -34.88
CA ALA A 179 -5.74 14.91 -35.08
C ALA A 179 -5.88 13.53 -35.70
N VAL A 180 -4.79 13.02 -36.28
CA VAL A 180 -4.81 11.71 -36.92
C VAL A 180 -3.76 10.78 -36.32
N VAL A 181 -4.18 9.53 -36.05
CA VAL A 181 -3.24 8.52 -35.57
C VAL A 181 -2.27 8.16 -36.69
N GLU A 182 -0.99 8.44 -36.49
CA GLU A 182 0.00 8.10 -37.51
C GLU A 182 0.76 6.82 -37.16
N SER A 183 0.93 6.57 -35.86
CA SER A 183 1.63 5.39 -35.39
C SER A 183 1.19 4.99 -33.99
N VAL A 184 1.25 3.70 -33.71
CA VAL A 184 0.86 3.16 -32.42
C VAL A 184 1.97 2.30 -31.82
N ILE A 185 2.45 2.68 -30.65
CA ILE A 185 3.47 1.90 -29.95
C ILE A 185 3.04 1.55 -28.54
N GLY A 186 2.78 0.26 -28.30
CA GLY A 186 2.41 -0.20 -26.98
C GLY A 186 1.10 0.37 -26.45
N GLY A 187 0.19 0.71 -27.35
CA GLY A 187 -1.08 1.28 -26.95
C GLY A 187 -1.02 2.79 -26.90
N ARG A 188 0.20 3.33 -27.04
CA ARG A 188 0.37 4.78 -27.09
C ARG A 188 0.26 5.26 -28.53
N LEU A 189 -0.48 6.35 -28.71
CA LEU A 189 -0.74 6.89 -30.04
C LEU A 189 0.09 8.14 -30.29
N ARG A 190 0.76 8.19 -31.44
CA ARG A 190 1.35 9.43 -31.89
C ARG A 190 0.34 10.14 -32.78
N LEU A 191 -0.28 11.18 -32.25
CA LEU A 191 -1.26 11.95 -33.00
C LEU A 191 -0.61 13.11 -33.73
N VAL A 192 -1.04 13.35 -34.95
CA VAL A 192 -0.60 14.51 -35.71
C VAL A 192 -1.83 15.35 -36.07
N TYR A 193 -1.78 16.64 -35.77
CA TYR A 193 -2.89 17.52 -36.08
C TYR A 193 -3.15 17.52 -37.58
N GLU A 194 -4.43 17.48 -37.96
CA GLU A 194 -4.82 17.41 -39.36
C GLU A 194 -4.36 18.66 -40.10
N GLU A 195 -4.33 19.78 -39.38
CA GLU A 195 -3.83 21.04 -39.93
C GLU A 195 -2.68 21.55 -39.08
N SER A 196 -1.53 20.89 -39.21
CA SER A 196 -0.35 21.23 -38.41
C SER A 196 0.21 22.60 -38.76
N GLU A 197 0.86 23.21 -37.78
CA GLU A 197 1.52 24.50 -37.99
C GLU A 197 3.01 24.32 -37.75
N ASP A 198 3.39 23.09 -37.45
CA ASP A 198 4.79 22.73 -37.17
C ASP A 198 5.13 21.42 -37.86
N ARG A 199 6.41 21.26 -38.23
CA ARG A 199 6.83 20.12 -39.02
C ARG A 199 6.63 18.77 -38.33
N THR A 200 7.06 18.67 -37.07
CA THR A 200 6.92 17.43 -36.31
C THR A 200 5.95 17.61 -35.15
N ASP A 201 4.99 18.53 -35.32
CA ASP A 201 3.97 18.78 -34.32
C ASP A 201 3.16 17.52 -34.05
N ASP A 202 3.40 16.92 -32.88
CA ASP A 202 2.72 15.68 -32.53
C ASP A 202 2.05 15.76 -31.16
N PHE A 203 1.20 14.78 -30.86
CA PHE A 203 0.57 14.69 -29.56
C PHE A 203 0.59 13.25 -29.04
N TRP A 204 1.61 12.94 -28.26
CA TRP A 204 1.72 11.61 -27.64
C TRP A 204 0.70 11.43 -26.52
N CYS A 205 -0.10 10.38 -26.63
CA CYS A 205 -1.06 10.03 -25.59
C CYS A 205 -1.42 8.57 -25.68
N HIS A 206 -2.05 8.05 -24.63
CA HIS A 206 -2.45 6.65 -24.61
C HIS A 206 -3.78 6.47 -25.33
N MET A 207 -4.06 5.22 -25.71
CA MET A 207 -5.34 4.84 -26.31
C MET A 207 -6.51 5.32 -25.46
N HIS A 208 -6.50 4.96 -24.18
CA HIS A 208 -7.61 5.29 -23.29
C HIS A 208 -7.38 6.60 -22.54
N SER A 209 -6.72 7.54 -23.21
CA SER A 209 -6.58 8.89 -22.68
C SER A 209 -7.94 9.56 -22.62
N PRO A 210 -8.19 10.32 -21.56
CA PRO A 210 -9.46 11.06 -21.45
C PRO A 210 -9.42 12.33 -22.29
N LEU A 211 -8.29 12.59 -22.95
CA LEU A 211 -8.12 13.81 -23.73
C LEU A 211 -8.59 13.66 -25.18
N ILE A 212 -8.75 12.41 -25.63
CA ILE A 212 -9.18 12.17 -26.99
C ILE A 212 -10.65 11.75 -27.05
N HIS A 213 -11.34 12.15 -28.11
CA HIS A 213 -12.76 11.87 -28.24
C HIS A 213 -13.14 11.59 -29.68
N HIS A 214 -14.33 11.03 -29.89
CA HIS A 214 -14.80 10.73 -31.24
C HIS A 214 -15.15 12.01 -31.99
N ILE A 215 -15.19 11.92 -33.31
CA ILE A 215 -15.53 13.07 -34.13
C ILE A 215 -16.97 13.50 -33.89
N GLY A 216 -17.14 14.74 -33.45
CA GLY A 216 -18.46 15.27 -33.17
C GLY A 216 -18.70 15.45 -31.68
N TRP A 217 -17.73 15.03 -30.88
CA TRP A 217 -17.84 15.11 -29.42
C TRP A 217 -17.87 16.56 -28.93
N SER A 218 -17.05 17.42 -29.51
CA SER A 218 -16.98 18.81 -29.10
C SER A 218 -18.30 19.53 -29.34
N ARG A 219 -18.89 19.33 -30.51
CA ARG A 219 -20.18 19.91 -30.85
C ARG A 219 -21.29 19.38 -29.97
N SER A 220 -21.26 18.08 -29.70
CA SER A 220 -22.30 17.42 -28.92
C SER A 220 -22.27 17.86 -27.46
N ILE A 221 -21.07 17.96 -26.91
CA ILE A 221 -20.91 18.29 -25.49
C ILE A 221 -21.00 19.79 -25.24
N GLY A 222 -20.67 20.58 -26.26
CA GLY A 222 -20.72 22.02 -26.15
C GLY A 222 -19.32 22.59 -25.97
N HIS A 223 -18.33 21.75 -26.20
CA HIS A 223 -16.93 22.14 -26.09
C HIS A 223 -16.51 22.85 -27.37
N ARG A 224 -15.78 23.95 -27.24
CA ARG A 224 -15.33 24.71 -28.41
C ARG A 224 -14.45 23.85 -29.30
N PHE A 225 -14.50 24.11 -30.61
CA PHE A 225 -13.67 23.37 -31.55
C PHE A 225 -13.14 24.28 -32.65
N LYS A 226 -11.98 23.94 -33.20
CA LYS A 226 -11.41 24.67 -34.31
C LYS A 226 -12.09 24.24 -35.61
N ARG A 227 -12.68 25.21 -36.31
CA ARG A 227 -13.31 24.94 -37.60
C ARG A 227 -12.27 24.83 -38.71
N SER A 228 -12.28 23.70 -39.42
CA SER A 228 -11.36 23.49 -40.52
C SER A 228 -11.86 24.20 -41.78
N ASP A 229 -10.98 24.35 -42.77
CA ASP A 229 -11.33 25.02 -44.01
C ASP A 229 -11.41 24.02 -45.17
N ASP A 235 -7.91 11.95 -47.29
CA ASP A 235 -6.58 11.42 -47.57
C ASP A 235 -6.45 10.01 -47.01
N GLY A 236 -7.53 9.24 -47.12
CA GLY A 236 -7.56 7.90 -46.56
C GLY A 236 -7.96 7.93 -45.09
N HIS A 237 -8.06 9.15 -44.55
CA HIS A 237 -8.43 9.33 -43.16
C HIS A 237 -9.90 9.04 -42.93
N PHE A 238 -10.18 8.09 -42.03
CA PHE A 238 -11.56 7.80 -41.65
C PHE A 238 -11.77 8.02 -40.16
N ASP A 239 -13.01 8.24 -39.76
CA ASP A 239 -13.33 8.51 -38.37
C ASP A 239 -13.17 7.26 -37.50
N THR A 240 -12.63 7.46 -36.31
CA THR A 240 -12.48 6.37 -35.34
C THR A 240 -13.85 5.90 -34.89
N PRO A 241 -14.09 4.58 -34.97
CA PRO A 241 -15.34 4.00 -34.45
C PRO A 241 -15.50 4.38 -32.98
N PRO A 242 -16.53 5.17 -32.67
CA PRO A 242 -16.75 5.77 -31.33
C PRO A 242 -16.70 4.75 -30.20
N HIS A 243 -17.02 3.50 -30.50
CA HIS A 243 -17.03 2.44 -29.49
C HIS A 243 -15.63 2.02 -29.04
N LEU A 244 -14.61 2.64 -29.61
CA LEU A 244 -13.23 2.33 -29.25
C LEU A 244 -12.70 3.22 -28.13
N PHE A 245 -13.36 4.36 -27.93
CA PHE A 245 -12.91 5.31 -26.92
C PHE A 245 -13.26 4.86 -25.51
N ALA A 246 -12.46 5.31 -24.55
CA ALA A 246 -12.67 4.99 -23.15
C ALA A 246 -14.02 5.53 -22.67
N LYS A 247 -14.72 4.72 -21.90
CA LYS A 247 -16.04 5.11 -21.39
C LYS A 247 -15.90 6.08 -20.21
N VAL A 248 -16.64 7.17 -20.27
CA VAL A 248 -16.65 8.15 -19.18
C VAL A 248 -17.72 7.77 -18.16
N LYS A 249 -17.41 7.95 -16.87
CA LYS A 249 -18.38 7.65 -15.83
C LYS A 249 -19.58 8.57 -15.93
N GLU A 250 -20.77 7.98 -16.01
CA GLU A 250 -22.00 8.73 -16.14
C GLU A 250 -22.36 9.43 -14.83
N VAL A 251 -22.81 10.68 -14.93
CA VAL A 251 -23.20 11.44 -13.76
C VAL A 251 -24.63 11.98 -13.88
N ASP A 252 -25.15 12.47 -12.76
CA ASP A 252 -26.47 13.04 -12.72
C ASP A 252 -26.35 14.53 -12.40
N GLN A 253 -26.44 15.37 -13.43
CA GLN A 253 -26.34 16.81 -13.23
C GLN A 253 -27.71 17.50 -13.31
N SER A 254 -28.76 16.75 -12.99
CA SER A 254 -30.12 17.28 -13.02
C SER A 254 -30.46 18.01 -11.73
N GLY A 255 -29.86 17.59 -10.62
CA GLY A 255 -30.08 18.22 -9.34
C GLY A 255 -28.98 19.21 -9.00
N GLU A 256 -28.51 19.17 -7.77
CA GLU A 256 -27.41 20.03 -7.34
C GLU A 256 -26.13 19.65 -8.09
N TRP A 257 -25.47 20.65 -8.66
CA TRP A 257 -24.33 20.40 -9.52
C TRP A 257 -23.35 21.58 -9.49
N PHE A 258 -22.26 21.47 -10.25
CA PHE A 258 -21.29 22.54 -10.37
C PHE A 258 -21.94 23.80 -10.97
N LYS A 259 -21.53 24.96 -10.49
CA LYS A 259 -22.01 26.23 -11.02
C LYS A 259 -20.84 27.12 -11.41
N GLU A 260 -21.04 27.95 -12.42
CA GLU A 260 -20.03 28.91 -12.85
C GLU A 260 -19.68 29.85 -11.70
N GLY A 261 -18.40 29.97 -11.39
CA GLY A 261 -17.96 30.84 -10.32
C GLY A 261 -17.48 30.09 -9.10
N MET A 262 -17.90 28.83 -8.97
CA MET A 262 -17.50 28.00 -7.85
C MET A 262 -15.99 27.80 -7.84
N LYS A 263 -15.39 27.92 -6.67
CA LYS A 263 -13.94 27.79 -6.52
C LYS A 263 -13.55 26.36 -6.19
N LEU A 264 -12.34 25.98 -6.61
CA LEU A 264 -11.85 24.63 -6.39
C LEU A 264 -10.33 24.59 -6.54
N GLU A 265 -9.76 23.40 -6.35
CA GLU A 265 -8.34 23.19 -6.56
C GLU A 265 -8.14 22.20 -7.69
N ALA A 266 -7.18 22.49 -8.57
CA ALA A 266 -6.97 21.64 -9.74
C ALA A 266 -5.51 21.60 -10.16
N ILE A 267 -5.11 20.45 -10.71
CA ILE A 267 -3.79 20.29 -11.28
C ILE A 267 -3.69 21.07 -12.57
N ASP A 268 -2.72 21.98 -12.64
CA ASP A 268 -2.49 22.77 -13.83
C ASP A 268 -2.07 21.87 -15.00
N PRO A 269 -2.88 21.85 -16.08
CA PRO A 269 -2.54 21.04 -17.25
C PRO A 269 -1.28 21.53 -17.96
N LEU A 270 -0.90 22.78 -17.71
CA LEU A 270 0.30 23.35 -18.29
C LEU A 270 1.50 23.19 -17.35
N ASN A 271 1.22 22.77 -16.12
CA ASN A 271 2.27 22.46 -15.15
C ASN A 271 1.76 21.40 -14.18
N LEU A 272 2.02 20.13 -14.50
CA LEU A 272 1.48 19.03 -13.71
C LEU A 272 2.22 18.81 -12.40
N SER A 273 3.15 19.71 -12.10
CA SER A 273 3.86 19.65 -10.83
C SER A 273 3.11 20.42 -9.75
N THR A 274 2.11 21.19 -10.15
CA THR A 274 1.40 22.07 -9.23
C THR A 274 -0.11 21.86 -9.23
N ILE A 275 -0.72 22.11 -8.06
CA ILE A 275 -2.17 22.13 -7.92
C ILE A 275 -2.57 23.57 -7.62
N CYS A 276 -3.53 24.10 -8.36
CA CYS A 276 -3.80 25.54 -8.32
C CYS A 276 -5.22 25.92 -7.92
N VAL A 277 -5.35 27.11 -7.37
CA VAL A 277 -6.63 27.74 -7.12
C VAL A 277 -7.35 27.92 -8.46
N ALA A 278 -8.53 27.34 -8.58
CA ALA A 278 -9.25 27.31 -9.85
C ALA A 278 -10.71 27.72 -9.71
N THR A 279 -11.37 27.87 -10.85
CA THR A 279 -12.77 28.29 -10.89
C THR A 279 -13.51 27.57 -12.01
N ILE A 280 -14.74 27.16 -11.74
CA ILE A 280 -15.62 26.65 -12.79
C ILE A 280 -16.05 27.80 -13.70
N ARG A 281 -15.71 27.69 -14.98
CA ARG A 281 -16.02 28.74 -15.95
C ARG A 281 -17.18 28.37 -16.86
N LYS A 282 -17.38 27.08 -17.08
CA LYS A 282 -18.48 26.59 -17.92
C LYS A 282 -18.92 25.20 -17.49
N VAL A 283 -20.23 24.99 -17.45
CA VAL A 283 -20.79 23.67 -17.19
C VAL A 283 -21.34 23.10 -18.48
N LEU A 284 -20.70 22.04 -18.98
CA LEU A 284 -21.11 21.44 -20.24
C LEU A 284 -22.01 20.23 -20.02
N ALA A 285 -22.34 19.54 -21.10
CA ALA A 285 -23.16 18.34 -21.02
C ALA A 285 -22.33 17.11 -20.66
N ASP A 286 -23.00 16.06 -20.21
CA ASP A 286 -22.37 14.77 -19.91
C ASP A 286 -21.29 14.81 -18.82
N GLY A 287 -21.30 15.86 -18.00
CA GLY A 287 -20.43 15.92 -16.85
C GLY A 287 -19.18 16.75 -17.01
N PHE A 288 -18.91 17.21 -18.23
CA PHE A 288 -17.68 17.96 -18.50
C PHE A 288 -17.77 19.41 -18.05
N LEU A 289 -16.62 19.95 -17.61
CA LEU A 289 -16.55 21.30 -17.08
C LEU A 289 -15.36 22.05 -17.66
N MET A 290 -15.53 23.34 -17.91
CA MET A 290 -14.40 24.18 -18.29
C MET A 290 -13.87 24.90 -17.06
N ILE A 291 -12.58 24.77 -16.81
CA ILE A 291 -11.97 25.28 -15.58
C ILE A 291 -10.82 26.23 -15.90
N GLY A 292 -10.75 27.33 -15.17
CA GLY A 292 -9.67 28.29 -15.32
C GLY A 292 -8.88 28.46 -14.04
N ILE A 293 -7.62 28.83 -14.17
CA ILE A 293 -6.75 29.08 -13.02
C ILE A 293 -6.62 30.58 -12.76
N ASP A 294 -7.02 31.00 -11.57
CA ASP A 294 -7.06 32.42 -11.21
C ASP A 294 -5.69 33.10 -11.32
N GLY A 295 -5.65 34.19 -12.10
CA GLY A 295 -4.41 34.93 -12.28
C GLY A 295 -3.75 34.61 -13.60
N SER A 296 -4.20 33.54 -14.24
CA SER A 296 -3.64 33.09 -15.51
C SER A 296 -4.73 32.81 -16.53
N GLU A 297 -5.68 33.73 -16.64
CA GLU A 297 -6.79 33.55 -17.57
C GLU A 297 -6.87 34.67 -18.60
N ALA A 298 -6.83 34.29 -19.87
CA ALA A 298 -7.05 35.23 -20.96
C ALA A 298 -8.49 35.71 -20.90
N ALA A 299 -8.73 36.95 -21.31
CA ALA A 299 -10.06 37.53 -21.22
C ALA A 299 -11.08 36.82 -22.10
N ASP A 300 -10.62 36.25 -23.22
CA ASP A 300 -11.50 35.53 -24.13
C ASP A 300 -11.70 34.08 -23.69
N GLY A 301 -11.12 33.71 -22.56
CA GLY A 301 -11.27 32.38 -22.01
C GLY A 301 -10.62 31.30 -22.85
N SER A 302 -9.49 31.61 -23.47
CA SER A 302 -8.78 30.64 -24.29
C SER A 302 -7.91 29.69 -23.47
N ASP A 303 -7.73 30.04 -22.20
CA ASP A 303 -6.90 29.25 -21.30
C ASP A 303 -7.73 28.29 -20.46
N TRP A 304 -9.04 28.28 -20.68
CA TRP A 304 -9.92 27.38 -19.96
C TRP A 304 -9.68 25.95 -20.43
N PHE A 305 -9.39 25.06 -19.49
CA PHE A 305 -9.16 23.66 -19.81
C PHE A 305 -10.37 22.82 -19.41
N CYS A 306 -10.49 21.63 -20.00
CA CYS A 306 -11.64 20.77 -19.77
C CYS A 306 -11.31 19.57 -18.89
N TYR A 307 -11.94 19.55 -17.71
CA TYR A 307 -11.86 18.41 -16.80
C TYR A 307 -13.26 17.87 -16.61
N HIS A 308 -13.40 16.54 -16.62
CA HIS A 308 -14.69 15.93 -16.32
C HIS A 308 -14.96 16.09 -14.82
N ALA A 309 -16.24 16.00 -14.43
CA ALA A 309 -16.61 16.15 -13.03
C ALA A 309 -16.02 15.03 -12.17
N THR A 310 -15.84 13.86 -12.78
CA THR A 310 -15.31 12.70 -12.06
C THR A 310 -13.78 12.65 -12.11
N SER A 311 -13.17 13.68 -12.68
CA SER A 311 -11.71 13.72 -12.85
C SER A 311 -11.00 13.73 -11.50
N PRO A 312 -9.91 12.95 -11.41
CA PRO A 312 -9.08 12.87 -10.20
C PRO A 312 -8.13 14.06 -10.11
N SER A 313 -8.14 14.92 -11.12
CA SER A 313 -7.23 16.06 -11.18
C SER A 313 -7.84 17.31 -10.51
N ILE A 314 -9.13 17.26 -10.21
CA ILE A 314 -9.78 18.37 -9.54
C ILE A 314 -10.09 18.02 -8.09
N PHE A 315 -10.00 19.01 -7.21
CA PHE A 315 -10.16 18.77 -5.77
C PHE A 315 -11.02 19.85 -5.13
N PRO A 316 -11.72 19.51 -4.04
CA PRO A 316 -12.49 20.50 -3.30
C PRO A 316 -11.56 21.49 -2.58
N VAL A 317 -12.09 22.65 -2.21
CA VAL A 317 -11.32 23.64 -1.49
C VAL A 317 -10.83 23.10 -0.14
N GLY A 318 -9.54 23.21 0.09
CA GLY A 318 -8.94 22.78 1.35
C GLY A 318 -8.27 21.43 1.27
N PHE A 319 -8.31 20.80 0.10
CA PHE A 319 -7.72 19.48 -0.10
C PHE A 319 -6.23 19.48 0.19
N CYS A 320 -5.52 20.42 -0.44
CA CYS A 320 -4.07 20.50 -0.33
C CYS A 320 -3.60 20.75 1.11
N GLU A 321 -4.34 21.60 1.82
CA GLU A 321 -3.96 21.97 3.18
C GLU A 321 -4.10 20.81 4.18
N ILE A 322 -5.23 20.12 4.12
CA ILE A 322 -5.50 19.02 5.04
C ILE A 322 -4.54 17.85 4.79
N ASN A 323 -4.13 17.70 3.54
CA ASN A 323 -3.22 16.63 3.16
C ASN A 323 -1.77 17.09 3.05
N MET A 324 -1.50 18.30 3.50
CA MET A 324 -0.16 18.90 3.49
C MET A 324 0.47 18.93 2.09
N ILE A 325 -0.26 19.51 1.14
CA ILE A 325 0.21 19.67 -0.23
C ILE A 325 0.34 21.15 -0.54
N GLU A 326 1.46 21.53 -1.15
CA GLU A 326 1.70 22.91 -1.51
C GLU A 326 0.71 23.40 -2.58
N LEU A 327 -0.10 24.39 -2.21
CA LEU A 327 -1.05 24.97 -3.15
C LEU A 327 -0.44 26.20 -3.82
N THR A 328 -0.62 26.30 -5.13
CA THR A 328 -0.14 27.45 -5.87
C THR A 328 -1.21 28.54 -5.89
N PRO A 329 -0.93 29.66 -5.20
CA PRO A 329 -1.86 30.80 -5.14
C PRO A 329 -1.93 31.50 -6.49
N PRO A 330 -2.95 32.36 -6.68
CA PRO A 330 -3.07 33.11 -7.94
C PRO A 330 -1.83 33.90 -8.31
N ARG A 331 -1.55 33.96 -9.61
CA ARG A 331 -0.43 34.71 -10.12
C ARG A 331 -0.62 36.20 -9.85
N GLY A 332 0.32 36.81 -9.14
CA GLY A 332 0.24 38.22 -8.81
C GLY A 332 -0.35 38.47 -7.43
N TYR A 333 -1.02 37.45 -6.88
CA TYR A 333 -1.61 37.55 -5.56
C TYR A 333 -0.52 37.69 -4.50
N THR A 334 -0.68 38.66 -3.61
CA THR A 334 0.40 39.07 -2.72
C THR A 334 0.17 38.77 -1.24
N LYS A 335 -1.08 38.60 -0.84
CA LYS A 335 -1.40 38.34 0.56
C LYS A 335 -1.01 36.93 0.98
N LEU A 336 0.26 36.76 1.35
CA LEU A 336 0.80 35.45 1.69
C LEU A 336 1.03 35.29 3.18
N PRO A 337 0.82 34.06 3.71
CA PRO A 337 0.38 32.87 2.98
C PRO A 337 -1.08 32.92 2.55
N PHE A 338 -1.39 32.25 1.43
CA PHE A 338 -2.73 32.26 0.86
C PHE A 338 -3.75 31.61 1.79
N LYS A 339 -4.85 32.31 2.04
CA LYS A 339 -5.96 31.73 2.80
C LYS A 339 -7.24 31.74 1.97
N TRP A 340 -7.86 30.56 1.82
CA TRP A 340 -9.08 30.41 1.04
C TRP A 340 -10.21 31.30 1.55
N PHE A 341 -10.31 31.42 2.87
CA PHE A 341 -11.37 32.20 3.50
C PHE A 341 -11.34 33.65 3.05
N ASP A 342 -10.16 34.25 3.10
CA ASP A 342 -10.00 35.64 2.69
C ASP A 342 -10.26 35.80 1.21
N TYR A 343 -9.85 34.81 0.43
CA TYR A 343 -9.99 34.84 -1.02
C TYR A 343 -11.44 34.73 -1.47
N LEU A 344 -12.22 33.92 -0.75
CA LEU A 344 -13.63 33.75 -1.06
C LEU A 344 -14.42 35.02 -0.75
N ARG A 345 -13.95 35.76 0.25
CA ARG A 345 -14.57 37.02 0.63
C ARG A 345 -14.25 38.10 -0.41
N GLU A 346 -12.98 38.21 -0.75
CA GLU A 346 -12.52 39.21 -1.73
C GLU A 346 -13.14 39.01 -3.10
N THR A 347 -13.31 37.75 -3.51
CA THR A 347 -13.82 37.45 -4.84
C THR A 347 -15.32 37.20 -4.85
N GLY A 348 -15.93 37.21 -3.66
CA GLY A 348 -17.37 37.05 -3.52
C GLY A 348 -17.91 35.79 -4.15
N SER A 349 -17.30 34.67 -3.81
CA SER A 349 -17.66 33.38 -4.39
C SER A 349 -17.70 32.27 -3.36
N ILE A 350 -18.27 31.12 -3.74
CA ILE A 350 -18.32 29.97 -2.86
C ILE A 350 -17.39 28.87 -3.35
N ALA A 351 -17.12 27.91 -2.47
CA ALA A 351 -16.39 26.72 -2.84
C ALA A 351 -17.37 25.69 -3.38
N ALA A 352 -16.95 24.96 -4.42
CA ALA A 352 -17.75 23.85 -4.91
C ALA A 352 -17.88 22.83 -3.79
N PRO A 353 -19.12 22.40 -3.48
CA PRO A 353 -19.40 21.45 -2.39
C PRO A 353 -18.57 20.18 -2.50
N VAL A 354 -18.03 19.74 -1.36
CA VAL A 354 -17.17 18.55 -1.31
C VAL A 354 -17.87 17.32 -1.90
N LYS A 355 -19.17 17.18 -1.65
CA LYS A 355 -19.93 16.01 -2.09
C LYS A 355 -19.92 15.79 -3.60
N LEU A 356 -19.60 16.84 -4.36
CA LEU A 356 -19.52 16.72 -5.81
C LEU A 356 -18.26 15.97 -6.24
N PHE A 357 -17.26 15.92 -5.36
CA PHE A 357 -15.98 15.31 -5.69
C PHE A 357 -15.85 13.87 -5.21
N ASN A 358 -16.91 13.37 -4.57
CA ASN A 358 -16.91 12.00 -4.05
C ASN A 358 -16.57 10.98 -5.12
N LYS A 359 -15.49 10.23 -4.88
CA LYS A 359 -15.06 9.19 -5.81
C LYS A 359 -14.44 8.03 -5.04
N ASP A 360 -14.52 6.85 -5.63
CA ASP A 360 -13.93 5.67 -5.02
C ASP A 360 -12.41 5.78 -5.03
N VAL A 361 -11.79 5.29 -3.96
CA VAL A 361 -10.32 5.22 -3.89
C VAL A 361 -9.89 3.76 -4.02
N PRO A 362 -9.43 3.38 -5.21
CA PRO A 362 -9.08 1.99 -5.55
C PRO A 362 -7.94 1.44 -4.71
N ASN A 363 -7.94 0.12 -4.50
CA ASN A 363 -6.79 -0.55 -3.90
C ASN A 363 -5.74 -0.76 -4.97
N HIS A 364 -5.01 0.29 -5.29
CA HIS A 364 -4.12 0.31 -6.44
C HIS A 364 -2.84 -0.51 -6.27
N GLY A 365 -2.40 -0.67 -5.02
CA GLY A 365 -1.24 -1.49 -4.74
C GLY A 365 0.09 -0.80 -4.92
N PHE A 366 0.07 0.52 -5.04
CA PHE A 366 1.29 1.30 -5.11
C PHE A 366 1.85 1.57 -3.72
N ARG A 367 3.17 1.59 -3.61
CA ARG A 367 3.83 1.89 -2.34
C ARG A 367 4.96 2.90 -2.58
N VAL A 368 5.21 3.75 -1.60
CA VAL A 368 6.26 4.75 -1.71
C VAL A 368 7.63 4.09 -1.90
N GLY A 369 8.32 4.50 -2.95
CA GLY A 369 9.64 3.96 -3.26
C GLY A 369 9.62 3.03 -4.46
N MET A 370 8.43 2.61 -4.87
CA MET A 370 8.30 1.70 -6.01
C MET A 370 8.78 2.33 -7.31
N LYS A 371 9.46 1.53 -8.11
CA LYS A 371 9.95 1.98 -9.41
C LYS A 371 8.94 1.65 -10.50
N LEU A 372 8.91 2.48 -11.54
CA LEU A 372 8.07 2.24 -12.69
C LEU A 372 8.57 3.05 -13.89
N GLU A 373 7.89 2.90 -15.01
CA GLU A 373 8.17 3.70 -16.20
C GLU A 373 7.07 4.74 -16.37
N ALA A 374 7.44 6.01 -16.34
CA ALA A 374 6.44 7.08 -16.39
C ALA A 374 6.63 8.08 -17.52
N VAL A 375 5.52 8.39 -18.21
CA VAL A 375 5.51 9.44 -19.21
C VAL A 375 5.82 10.80 -18.57
N ASP A 376 6.72 11.55 -19.17
CA ASP A 376 6.92 12.95 -18.78
C ASP A 376 5.71 13.71 -19.32
N LEU A 377 4.85 14.17 -18.42
CA LEU A 377 3.61 14.80 -18.85
C LEU A 377 3.83 16.22 -19.41
N MET A 378 5.02 16.76 -19.17
CA MET A 378 5.40 18.05 -19.75
C MET A 378 6.01 17.85 -21.13
N GLU A 379 6.37 16.61 -21.43
CA GLU A 379 6.95 16.24 -22.71
C GLU A 379 6.59 14.79 -23.00
N PRO A 380 5.32 14.53 -23.37
CA PRO A 380 4.77 13.18 -23.52
C PRO A 380 5.59 12.24 -24.41
N ARG A 381 6.50 12.81 -25.19
CA ARG A 381 7.42 12.02 -26.02
C ARG A 381 8.27 11.12 -25.16
N LEU A 382 8.70 11.65 -24.02
CA LEU A 382 9.63 10.96 -23.14
C LEU A 382 8.94 10.00 -22.17
N ILE A 383 9.51 8.79 -22.04
CA ILE A 383 9.10 7.87 -21.00
C ILE A 383 10.32 7.50 -20.18
N CYS A 384 10.29 7.81 -18.89
CA CYS A 384 11.50 7.80 -18.08
C CYS A 384 11.42 6.88 -16.87
N VAL A 385 12.60 6.49 -16.39
CA VAL A 385 12.73 5.76 -15.14
C VAL A 385 12.23 6.63 -13.99
N ALA A 386 11.23 6.15 -13.27
CA ALA A 386 10.59 6.98 -12.25
C ALA A 386 10.29 6.24 -10.95
N THR A 387 9.89 7.00 -9.94
CA THR A 387 9.59 6.46 -8.61
C THR A 387 8.38 7.15 -8.02
N VAL A 388 7.61 6.42 -7.22
CA VAL A 388 6.51 7.00 -6.45
C VAL A 388 7.05 7.47 -5.10
N THR A 389 6.98 8.78 -4.86
CA THR A 389 7.55 9.35 -3.65
C THR A 389 6.51 9.72 -2.59
N ARG A 390 5.28 10.01 -3.04
CA ARG A 390 4.18 10.27 -2.12
C ARG A 390 2.91 9.63 -2.63
N ILE A 391 1.99 9.32 -1.71
CA ILE A 391 0.70 8.78 -2.06
C ILE A 391 -0.39 9.46 -1.24
N ILE A 392 -1.26 10.20 -1.91
CA ILE A 392 -2.39 10.85 -1.25
C ILE A 392 -3.67 10.18 -1.73
N HIS A 393 -4.09 9.14 -1.02
CA HIS A 393 -5.20 8.28 -1.43
C HIS A 393 -4.96 7.69 -2.81
N ARG A 394 -5.53 8.33 -3.85
CA ARG A 394 -5.32 7.87 -5.21
C ARG A 394 -4.38 8.78 -5.98
N LEU A 395 -3.89 9.82 -5.31
CA LEU A 395 -2.96 10.77 -5.91
C LEU A 395 -1.51 10.35 -5.67
N LEU A 396 -0.74 10.24 -6.75
CA LEU A 396 0.66 9.85 -6.65
C LEU A 396 1.59 10.99 -7.00
N ARG A 397 2.66 11.14 -6.23
CA ARG A 397 3.72 12.08 -6.57
C ARG A 397 4.83 11.32 -7.29
N ILE A 398 4.96 11.58 -8.59
CA ILE A 398 5.91 10.84 -9.41
C ILE A 398 7.23 11.59 -9.58
N HIS A 399 8.32 10.95 -9.17
CA HIS A 399 9.64 11.54 -9.28
C HIS A 399 10.44 10.89 -10.40
N PHE A 400 11.16 11.71 -11.15
CA PHE A 400 12.04 11.21 -12.21
C PHE A 400 13.46 11.09 -11.69
N ASP A 401 13.94 9.85 -11.55
CA ASP A 401 15.24 9.56 -10.96
C ASP A 401 16.38 10.35 -11.60
N GLY A 402 17.23 10.94 -10.76
CA GLY A 402 18.37 11.70 -11.23
C GLY A 402 18.08 13.19 -11.35
N TRP A 403 16.84 13.54 -11.68
CA TRP A 403 16.47 14.93 -11.90
C TRP A 403 16.01 15.60 -10.61
N GLU A 404 15.77 16.91 -10.68
CA GLU A 404 15.35 17.68 -9.51
C GLU A 404 13.90 17.41 -9.15
N GLU A 405 13.63 17.35 -7.85
CA GLU A 405 12.30 17.05 -7.34
C GLU A 405 11.31 18.19 -7.57
N GLU A 406 11.82 19.32 -8.07
CA GLU A 406 10.96 20.43 -8.45
C GLU A 406 10.03 20.04 -9.59
N TYR A 407 10.45 19.05 -10.38
CA TYR A 407 9.70 18.65 -11.56
C TYR A 407 8.87 17.39 -11.35
N ASP A 408 8.75 16.95 -10.10
CA ASP A 408 7.87 15.83 -9.76
C ASP A 408 6.44 16.18 -10.13
N GLN A 409 5.73 15.23 -10.74
CA GLN A 409 4.40 15.50 -11.26
C GLN A 409 3.31 14.78 -10.45
N TRP A 410 2.15 15.42 -10.33
CA TRP A 410 1.00 14.79 -9.69
C TRP A 410 0.25 13.91 -10.69
N VAL A 411 0.16 12.63 -10.36
CA VAL A 411 -0.44 11.66 -11.28
C VAL A 411 -1.45 10.77 -10.56
N ASP A 412 -2.58 10.53 -11.20
CA ASP A 412 -3.58 9.61 -10.65
C ASP A 412 -3.06 8.19 -10.73
N CYS A 413 -3.50 7.35 -9.79
CA CYS A 413 -3.04 5.97 -9.70
C CYS A 413 -3.55 5.11 -10.86
N GLU A 414 -4.67 5.52 -11.44
CA GLU A 414 -5.25 4.79 -12.57
C GLU A 414 -4.90 5.42 -13.90
N SER A 415 -3.90 6.30 -13.89
CA SER A 415 -3.47 6.96 -15.10
C SER A 415 -2.92 5.97 -16.11
N PRO A 416 -3.28 6.14 -17.39
CA PRO A 416 -2.76 5.29 -18.46
C PRO A 416 -1.38 5.76 -18.93
N ASP A 417 -0.82 6.75 -18.24
CA ASP A 417 0.50 7.27 -18.58
C ASP A 417 1.59 6.75 -17.65
N LEU A 418 1.24 5.76 -16.84
CA LEU A 418 2.21 5.07 -16.00
C LEU A 418 2.35 3.64 -16.50
N TYR A 419 3.55 3.10 -16.43
CA TYR A 419 3.81 1.76 -16.97
C TYR A 419 4.72 0.92 -16.07
N PRO A 420 4.52 -0.40 -16.08
CA PRO A 420 5.37 -1.31 -15.31
C PRO A 420 6.83 -1.26 -15.76
N VAL A 421 7.72 -1.74 -14.92
CA VAL A 421 9.12 -1.90 -15.30
C VAL A 421 9.21 -2.91 -16.43
N GLY A 422 9.84 -2.52 -17.53
CA GLY A 422 10.03 -3.41 -18.67
C GLY A 422 9.07 -3.16 -19.81
N TRP A 423 8.09 -2.27 -19.59
CA TRP A 423 7.09 -1.97 -20.61
C TRP A 423 7.72 -1.44 -21.89
N CYS A 424 8.76 -0.63 -21.76
CA CYS A 424 9.44 -0.07 -22.92
C CYS A 424 10.12 -1.17 -23.74
N GLN A 425 10.86 -2.04 -23.07
CA GLN A 425 11.54 -3.16 -23.73
C GLN A 425 10.53 -4.07 -24.40
N LEU A 426 9.40 -4.29 -23.74
CA LEU A 426 8.36 -5.15 -24.26
C LEU A 426 7.68 -4.58 -25.50
N THR A 427 7.42 -3.27 -25.46
CA THR A 427 6.65 -2.61 -26.53
C THR A 427 7.55 -2.02 -27.61
N GLY A 428 8.84 -1.90 -27.32
CA GLY A 428 9.78 -1.36 -28.27
C GLY A 428 9.84 0.16 -28.25
N TYR A 429 9.40 0.75 -27.14
CA TYR A 429 9.45 2.19 -26.96
C TYR A 429 10.77 2.57 -26.27
N GLN A 430 11.30 3.74 -26.62
CA GLN A 430 12.57 4.19 -26.05
C GLN A 430 12.42 4.63 -24.60
N LEU A 431 13.30 4.12 -23.74
CA LEU A 431 13.26 4.43 -22.32
C LEU A 431 14.38 5.39 -21.91
N GLN A 432 14.01 6.46 -21.19
CA GLN A 432 14.98 7.41 -20.67
C GLN A 432 15.57 6.90 -19.36
N PRO A 433 16.91 6.87 -19.27
CA PRO A 433 17.61 6.46 -18.05
C PRO A 433 17.70 7.62 -17.07
N PRO A 434 18.00 7.36 -15.80
CA PRO A 434 18.20 8.42 -14.80
C PRO A 434 19.26 9.43 -15.26
N ALA A 435 19.12 10.67 -14.82
CA ALA A 435 20.10 11.71 -15.15
C ALA A 435 21.46 11.35 -14.60
N SER A 436 22.51 11.75 -15.31
CA SER A 436 23.88 11.45 -14.89
C SER A 436 24.25 12.20 -13.61
N GLY B 14 -10.79 -26.47 17.80
CA GLY B 14 -10.67 -25.05 18.10
C GLY B 14 -10.33 -24.23 16.88
N PHE B 15 -9.88 -22.99 17.10
CA PHE B 15 -9.51 -22.10 16.02
C PHE B 15 -8.00 -22.03 15.82
N SER B 16 -7.58 -22.07 14.56
CA SER B 16 -6.17 -21.88 14.23
C SER B 16 -6.04 -20.86 13.12
N TRP B 17 -5.14 -19.89 13.30
CA TRP B 17 -4.87 -18.88 12.29
C TRP B 17 -4.47 -19.52 10.98
N GLY B 18 -3.71 -20.61 11.07
CA GLY B 18 -3.19 -21.31 9.91
C GLY B 18 -4.25 -21.85 8.96
N ASN B 19 -5.17 -22.63 9.49
CA ASN B 19 -6.26 -23.20 8.70
C ASN B 19 -7.20 -22.12 8.20
N TYR B 20 -7.37 -21.08 9.01
CA TYR B 20 -8.22 -19.94 8.68
C TYR B 20 -7.66 -19.21 7.46
N ILE B 21 -6.36 -18.95 7.48
CA ILE B 21 -5.67 -18.25 6.40
C ILE B 21 -5.62 -19.09 5.12
N ASN B 22 -5.36 -20.39 5.27
CA ASN B 22 -5.29 -21.28 4.12
C ASN B 22 -6.64 -21.52 3.44
N SER B 23 -7.69 -21.66 4.24
CA SER B 23 -9.02 -21.95 3.72
C SER B 23 -9.58 -20.79 2.88
N ASN B 24 -9.07 -19.59 3.11
CA ASN B 24 -9.60 -18.39 2.45
C ASN B 24 -8.55 -17.58 1.69
N SER B 25 -7.32 -18.08 1.67
CA SER B 25 -6.19 -17.36 1.04
C SER B 25 -6.06 -15.94 1.60
N PHE B 26 -6.15 -15.82 2.91
CA PHE B 26 -6.03 -14.53 3.59
C PHE B 26 -4.58 -14.03 3.63
N ILE B 27 -4.43 -12.71 3.67
CA ILE B 27 -3.11 -12.09 3.84
C ILE B 27 -3.00 -11.53 5.25
N ALA B 28 -1.86 -11.74 5.89
CA ALA B 28 -1.62 -11.25 7.24
C ALA B 28 -0.63 -10.10 7.24
N ALA B 29 -0.86 -9.11 8.10
CA ALA B 29 0.05 -7.99 8.23
C ALA B 29 1.37 -8.45 8.83
N PRO B 30 2.48 -8.18 8.12
CA PRO B 30 3.82 -8.56 8.57
C PRO B 30 4.18 -7.91 9.90
N VAL B 31 5.04 -8.58 10.66
CA VAL B 31 5.50 -8.08 11.96
C VAL B 31 6.11 -6.69 11.84
N THR B 32 6.68 -6.39 10.67
CA THR B 32 7.28 -5.09 10.38
C THR B 32 6.33 -3.91 10.62
N CYS B 33 5.03 -4.15 10.42
CA CYS B 33 4.02 -3.11 10.59
C CYS B 33 3.82 -2.66 12.03
N PHE B 34 4.32 -3.47 12.97
CA PHE B 34 4.03 -3.24 14.38
C PHE B 34 5.29 -2.89 15.17
N LYS B 35 5.59 -1.59 15.26
CA LYS B 35 6.78 -1.09 15.93
C LYS B 35 6.86 -1.44 17.41
N HIS B 36 5.70 -1.70 18.01
CA HIS B 36 5.62 -1.99 19.43
C HIS B 36 5.72 -3.48 19.71
N ALA B 37 5.36 -4.29 18.72
CA ALA B 37 5.37 -5.74 18.88
C ALA B 37 6.80 -6.26 18.98
N PRO B 38 7.00 -7.34 19.75
CA PRO B 38 8.30 -7.99 19.87
C PRO B 38 8.86 -8.39 18.49
N MET B 39 10.16 -8.23 18.32
CA MET B 39 10.83 -8.51 17.04
C MET B 39 10.32 -7.62 15.90
N GLY B 40 9.59 -6.57 16.26
CA GLY B 40 9.01 -5.67 15.28
C GLY B 40 10.05 -4.86 14.54
N THR B 41 11.18 -4.62 15.21
CA THR B 41 12.29 -3.86 14.62
C THR B 41 13.48 -4.77 14.32
N CYS B 42 13.23 -6.08 14.37
CA CYS B 42 14.27 -7.08 14.09
C CYS B 42 13.70 -8.21 13.26
N TRP B 43 13.07 -7.85 12.14
CA TRP B 43 12.35 -8.81 11.32
C TRP B 43 12.81 -8.71 9.87
N GLY B 44 13.91 -8.00 9.66
CA GLY B 44 14.38 -7.67 8.33
C GLY B 44 14.85 -8.84 7.48
N ASP B 45 15.21 -9.94 8.13
CA ASP B 45 15.72 -11.09 7.39
C ASP B 45 14.81 -12.31 7.49
N ILE B 46 13.63 -12.13 8.08
CA ILE B 46 12.61 -13.18 8.10
C ILE B 46 11.73 -13.06 6.86
N SER B 47 11.73 -14.10 6.04
CA SER B 47 10.95 -14.10 4.81
C SER B 47 10.75 -15.52 4.29
N GLU B 48 10.03 -15.64 3.18
CA GLU B 48 9.83 -16.94 2.56
C GLU B 48 11.14 -17.48 2.02
N ASN B 49 11.20 -18.80 1.86
CA ASN B 49 12.40 -19.50 1.39
C ASN B 49 13.56 -19.52 2.38
N VAL B 50 13.40 -18.84 3.52
CA VAL B 50 14.37 -18.93 4.61
C VAL B 50 14.29 -20.33 5.21
N ARG B 51 15.45 -20.94 5.44
CA ARG B 51 15.51 -22.31 5.94
C ARG B 51 15.77 -22.38 7.44
N VAL B 52 15.07 -23.29 8.11
CA VAL B 52 15.24 -23.48 9.54
C VAL B 52 15.35 -24.96 9.88
N GLU B 53 15.95 -25.25 11.03
CA GLU B 53 16.06 -26.62 11.51
C GLU B 53 14.98 -26.87 12.56
N VAL B 54 14.02 -27.73 12.23
CA VAL B 54 12.88 -27.98 13.10
C VAL B 54 12.73 -29.47 13.39
N PRO B 55 12.06 -29.82 14.50
CA PRO B 55 11.84 -31.23 14.83
C PRO B 55 11.12 -32.02 13.74
N ASN B 56 11.70 -33.16 13.38
CA ASN B 56 11.08 -34.08 12.43
C ASN B 56 10.00 -34.88 13.13
N THR B 57 8.75 -34.69 12.70
CA THR B 57 7.63 -35.39 13.29
C THR B 57 7.17 -36.55 12.42
N ASP B 58 7.77 -36.66 11.23
CA ASP B 58 7.51 -37.80 10.37
C ASP B 58 8.50 -38.90 10.69
N CYS B 59 8.57 -39.26 11.97
CA CYS B 59 9.54 -40.22 12.45
C CYS B 59 8.87 -41.17 13.44
N SER B 60 9.54 -42.28 13.74
CA SER B 60 8.99 -43.26 14.66
C SER B 60 9.89 -43.42 15.88
N LEU B 61 11.13 -42.94 15.75
CA LEU B 61 12.12 -43.05 16.82
C LEU B 61 11.62 -42.43 18.13
N PRO B 62 12.02 -43.01 19.27
CA PRO B 62 11.60 -42.53 20.59
C PRO B 62 12.13 -41.14 20.93
N THR B 63 13.40 -40.89 20.64
CA THR B 63 14.02 -39.61 20.94
C THR B 63 13.69 -38.57 19.87
N LYS B 64 13.71 -37.30 20.26
CA LYS B 64 13.38 -36.21 19.34
C LYS B 64 14.47 -36.02 18.28
N VAL B 65 14.04 -35.89 17.03
CA VAL B 65 14.95 -35.75 15.90
C VAL B 65 14.60 -34.53 15.07
N PHE B 66 15.58 -34.00 14.32
CA PHE B 66 15.38 -32.77 13.57
C PHE B 66 15.59 -32.93 12.07
N TRP B 67 15.14 -31.92 11.32
CA TRP B 67 15.33 -31.88 9.87
C TRP B 67 15.16 -30.45 9.38
N ILE B 68 15.56 -30.20 8.14
CA ILE B 68 15.48 -28.86 7.55
C ILE B 68 14.09 -28.60 6.97
N ALA B 69 13.64 -27.35 7.07
CA ALA B 69 12.37 -26.96 6.47
C ALA B 69 12.42 -25.53 5.93
N GLY B 70 11.69 -25.28 4.85
CA GLY B 70 11.61 -23.96 4.26
C GLY B 70 10.27 -23.32 4.50
N ILE B 71 10.27 -21.99 4.60
CA ILE B 71 9.04 -21.25 4.86
C ILE B 71 8.21 -21.05 3.60
N VAL B 72 7.09 -21.76 3.51
CA VAL B 72 6.19 -21.63 2.37
C VAL B 72 5.34 -20.36 2.49
N LYS B 73 4.76 -20.15 3.66
CA LYS B 73 3.96 -18.96 3.94
C LYS B 73 4.42 -18.28 5.22
N LEU B 74 4.41 -16.95 5.22
CA LEU B 74 4.78 -16.18 6.39
C LEU B 74 3.64 -15.25 6.80
N ALA B 75 2.82 -15.71 7.74
CA ALA B 75 1.68 -14.92 8.21
C ALA B 75 1.93 -14.39 9.61
N GLY B 76 2.44 -13.16 9.71
CA GLY B 76 2.79 -12.58 10.99
C GLY B 76 3.91 -13.38 11.63
N TYR B 77 3.65 -13.88 12.84
CA TYR B 77 4.61 -14.72 13.53
C TYR B 77 4.52 -16.16 13.05
N ASN B 78 3.42 -16.49 12.37
CA ASN B 78 3.15 -17.86 11.95
C ASN B 78 3.70 -18.19 10.57
N ALA B 79 4.40 -19.32 10.49
CA ALA B 79 5.02 -19.76 9.25
C ALA B 79 4.57 -21.15 8.86
N LEU B 80 4.25 -21.33 7.59
CA LEU B 80 3.91 -22.64 7.05
C LEU B 80 5.18 -23.30 6.56
N LEU B 81 5.57 -24.39 7.21
CA LEU B 81 6.84 -25.05 6.90
C LEU B 81 6.68 -26.27 6.02
N ARG B 82 7.71 -26.55 5.23
CA ARG B 82 7.76 -27.76 4.43
C ARG B 82 9.15 -28.37 4.55
N TYR B 83 9.21 -29.62 5.00
CA TYR B 83 10.48 -30.33 5.16
C TYR B 83 11.27 -30.35 3.85
N GLU B 84 12.56 -30.08 3.95
CA GLU B 84 13.44 -30.09 2.79
C GLU B 84 13.46 -31.48 2.16
N GLY B 85 13.11 -31.55 0.89
CA GLY B 85 13.07 -32.82 0.17
C GLY B 85 11.72 -33.07 -0.47
N PHE B 86 10.66 -32.57 0.16
CA PHE B 86 9.31 -32.72 -0.35
C PHE B 86 9.11 -31.96 -1.67
N GLU B 87 9.95 -30.95 -1.89
CA GLU B 87 9.86 -30.10 -3.08
C GLU B 87 8.50 -29.41 -3.20
N ASN B 88 7.67 -29.90 -4.12
CA ASN B 88 6.33 -29.32 -4.33
C ASN B 88 5.23 -30.10 -3.63
N ASP B 89 5.61 -31.13 -2.89
CA ASP B 89 4.66 -31.94 -2.14
C ASP B 89 4.26 -31.20 -0.86
N SER B 90 3.00 -30.83 -0.76
CA SER B 90 2.48 -30.10 0.40
C SER B 90 1.77 -31.05 1.36
N GLY B 91 2.06 -32.34 1.24
CA GLY B 91 1.39 -33.35 2.04
C GLY B 91 1.63 -33.23 3.52
N LEU B 92 2.84 -32.83 3.89
CA LEU B 92 3.19 -32.70 5.31
C LEU B 92 3.54 -31.28 5.70
N ASP B 93 3.00 -30.30 4.99
CA ASP B 93 3.14 -28.90 5.37
C ASP B 93 2.51 -28.69 6.74
N PHE B 94 3.14 -27.86 7.56
CA PHE B 94 2.66 -27.66 8.93
C PHE B 94 2.93 -26.25 9.45
N TRP B 95 1.95 -25.68 10.13
CA TRP B 95 2.07 -24.34 10.71
C TRP B 95 2.86 -24.36 12.00
N CYS B 96 3.48 -23.23 12.32
CA CYS B 96 4.21 -23.06 13.56
C CYS B 96 4.51 -21.58 13.82
N ASN B 97 4.71 -21.24 15.08
CA ASN B 97 5.21 -19.91 15.40
C ASN B 97 6.71 -19.90 15.15
N ILE B 98 7.16 -19.06 14.22
CA ILE B 98 8.57 -19.05 13.83
C ILE B 98 9.48 -18.62 14.99
N CYS B 99 8.89 -18.01 16.01
CA CYS B 99 9.62 -17.63 17.20
C CYS B 99 9.47 -18.70 18.27
N GLY B 100 8.95 -19.85 17.88
CA GLY B 100 8.77 -20.98 18.78
C GLY B 100 10.08 -21.51 19.33
N SER B 101 10.01 -22.25 20.44
CA SER B 101 11.18 -22.75 21.13
C SER B 101 11.95 -23.81 20.33
N ASP B 102 11.25 -24.49 19.43
CA ASP B 102 11.86 -25.56 18.65
C ASP B 102 12.36 -25.10 17.28
N ILE B 103 12.26 -23.80 17.02
CA ILE B 103 12.76 -23.24 15.77
C ILE B 103 14.22 -22.85 15.92
N HIS B 104 15.04 -23.31 14.97
CA HIS B 104 16.49 -23.09 15.05
C HIS B 104 17.08 -22.69 13.69
N PRO B 105 18.17 -21.90 13.71
CA PRO B 105 18.87 -21.54 12.48
C PRO B 105 19.66 -22.72 11.94
N VAL B 106 19.93 -22.71 10.63
CA VAL B 106 20.70 -23.78 10.00
C VAL B 106 22.11 -23.85 10.56
N GLY B 107 22.48 -25.02 11.06
CA GLY B 107 23.79 -25.22 11.66
C GLY B 107 23.71 -25.43 13.15
N TRP B 108 22.51 -25.31 13.70
CA TRP B 108 22.29 -25.46 15.15
C TRP B 108 22.56 -26.89 15.61
N CYS B 109 22.13 -27.86 14.82
CA CYS B 109 22.34 -29.27 15.14
C CYS B 109 23.81 -29.64 15.13
N ALA B 110 24.55 -29.06 14.19
CA ALA B 110 25.97 -29.34 14.06
C ALA B 110 26.76 -28.84 15.27
N ALA B 111 26.32 -27.71 15.81
CA ALA B 111 26.98 -27.13 16.98
C ALA B 111 26.50 -27.79 18.28
N SER B 112 25.26 -28.26 18.28
CA SER B 112 24.69 -28.90 19.46
C SER B 112 25.00 -30.39 19.50
N GLY B 113 25.62 -30.89 18.43
CA GLY B 113 25.92 -32.31 18.33
C GLY B 113 24.66 -33.16 18.23
N LYS B 114 23.60 -32.56 17.70
CA LYS B 114 22.30 -33.23 17.58
C LYS B 114 22.10 -33.78 16.16
N PRO B 115 21.32 -34.87 16.02
CA PRO B 115 21.19 -35.55 14.73
C PRO B 115 20.09 -34.99 13.82
N LEU B 116 20.36 -35.01 12.52
CA LEU B 116 19.36 -34.65 11.51
C LEU B 116 18.82 -35.93 10.86
N VAL B 117 17.51 -36.17 11.00
CA VAL B 117 16.90 -37.37 10.47
C VAL B 117 15.81 -37.05 9.44
N PRO B 118 15.97 -37.57 8.22
CA PRO B 118 15.02 -37.33 7.12
C PRO B 118 13.63 -37.84 7.46
N PRO B 119 12.58 -37.15 6.99
CA PRO B 119 11.20 -37.60 7.18
C PRO B 119 11.02 -38.98 6.57
N ARG B 120 10.29 -39.85 7.28
CA ARG B 120 10.09 -41.23 6.84
C ARG B 120 9.44 -41.30 5.45
N THR B 121 8.59 -40.33 5.15
CA THR B 121 7.85 -40.31 3.88
C THR B 121 8.78 -40.26 2.67
N ILE B 122 9.91 -39.57 2.82
CA ILE B 122 10.84 -39.38 1.71
C ILE B 122 12.23 -39.92 2.00
N GLN B 123 12.31 -40.89 2.91
CA GLN B 123 13.60 -41.41 3.39
C GLN B 123 14.49 -41.99 2.28
N HIS B 124 13.88 -42.49 1.21
CA HIS B 124 14.64 -43.02 0.08
C HIS B 124 14.31 -42.28 -1.21
N LYS B 125 14.04 -40.98 -1.08
CA LYS B 125 13.75 -40.14 -2.24
C LYS B 125 15.06 -39.67 -2.87
N TYR B 126 16.08 -39.50 -2.04
CA TYR B 126 17.40 -39.13 -2.50
C TYR B 126 18.42 -40.10 -1.92
N THR B 127 19.34 -40.58 -2.76
CA THR B 127 20.25 -41.65 -2.37
C THR B 127 21.35 -41.22 -1.38
N ASN B 128 21.87 -40.01 -1.55
CA ASN B 128 22.93 -39.52 -0.67
C ASN B 128 22.54 -38.22 0.04
N TRP B 129 22.12 -38.35 1.30
CA TRP B 129 21.64 -37.21 2.06
C TRP B 129 22.74 -36.21 2.38
N LYS B 130 23.97 -36.68 2.47
CA LYS B 130 25.12 -35.81 2.70
C LYS B 130 25.26 -34.83 1.55
N ALA B 131 25.34 -35.36 0.33
CA ALA B 131 25.46 -34.53 -0.87
C ALA B 131 24.19 -33.70 -1.08
N PHE B 132 23.07 -34.26 -0.65
CA PHE B 132 21.78 -33.58 -0.76
C PHE B 132 21.76 -32.28 0.04
N LEU B 133 22.07 -32.37 1.33
CA LEU B 133 22.07 -31.21 2.21
C LEU B 133 23.14 -30.19 1.80
N VAL B 134 24.26 -30.68 1.29
CA VAL B 134 25.31 -29.81 0.80
C VAL B 134 24.80 -28.93 -0.32
N LYS B 135 24.06 -29.53 -1.26
CA LYS B 135 23.48 -28.78 -2.37
C LYS B 135 22.43 -27.77 -1.90
N ARG B 136 21.55 -28.21 -1.01
CA ARG B 136 20.41 -27.39 -0.57
C ARG B 136 20.79 -26.26 0.37
N LEU B 137 21.74 -26.54 1.28
CA LEU B 137 22.05 -25.60 2.35
C LEU B 137 23.19 -24.64 2.04
N THR B 138 24.04 -24.99 1.08
CA THR B 138 25.15 -24.10 0.70
C THR B 138 24.63 -22.82 0.06
N GLY B 139 24.83 -21.71 0.75
CA GLY B 139 24.38 -20.42 0.26
C GLY B 139 22.91 -20.17 0.59
N ALA B 140 22.36 -21.01 1.46
CA ALA B 140 20.97 -20.84 1.89
C ALA B 140 20.88 -19.76 2.96
N LYS B 141 19.76 -19.04 2.97
CA LYS B 141 19.53 -18.05 4.00
C LYS B 141 18.77 -18.67 5.17
N THR B 142 19.25 -18.40 6.37
CA THR B 142 18.63 -18.93 7.58
C THR B 142 18.38 -17.82 8.59
N LEU B 143 18.03 -18.21 9.81
CA LEU B 143 17.83 -17.26 10.90
C LEU B 143 19.18 -16.72 11.35
N PRO B 144 19.19 -15.54 11.99
CA PRO B 144 20.41 -15.04 12.60
C PRO B 144 20.86 -16.00 13.70
N PRO B 145 22.17 -16.07 13.98
CA PRO B 145 22.67 -16.98 15.00
C PRO B 145 22.19 -16.59 16.41
N ASP B 146 21.79 -15.33 16.57
CA ASP B 146 21.32 -14.84 17.86
C ASP B 146 19.82 -14.54 17.82
N PHE B 147 19.10 -15.19 16.90
CA PHE B 147 17.68 -14.95 16.72
C PHE B 147 16.86 -15.35 17.94
N SER B 148 17.12 -16.56 18.45
CA SER B 148 16.38 -17.08 19.61
C SER B 148 16.65 -16.25 20.85
N GLN B 149 17.83 -15.64 20.92
CA GLN B 149 18.17 -14.77 22.04
C GLN B 149 17.46 -13.43 21.91
N LYS B 150 17.29 -12.96 20.68
CA LYS B 150 16.57 -11.71 20.44
C LYS B 150 15.08 -11.86 20.69
N VAL B 151 14.53 -13.02 20.33
CA VAL B 151 13.12 -13.33 20.61
C VAL B 151 12.86 -13.31 22.11
N SER B 152 13.81 -13.88 22.86
CA SER B 152 13.71 -13.93 24.31
C SER B 152 13.80 -12.52 24.93
N GLU B 153 14.66 -11.69 24.37
CA GLU B 153 14.88 -10.34 24.88
C GLU B 153 13.74 -9.40 24.52
N SER B 154 13.07 -9.67 23.41
CA SER B 154 11.96 -8.85 22.96
C SER B 154 10.75 -9.00 23.88
N MET B 155 10.72 -10.12 24.61
CA MET B 155 9.65 -10.37 25.57
C MET B 155 10.15 -10.16 26.99
N GLN B 156 11.05 -9.19 27.14
CA GLN B 156 11.56 -8.79 28.44
C GLN B 156 11.15 -7.35 28.70
N TYR B 157 10.14 -7.17 29.55
CA TYR B 157 9.51 -5.85 29.70
C TYR B 157 9.94 -5.10 30.95
N PRO B 158 10.19 -3.79 30.81
CA PRO B 158 10.62 -2.91 31.90
C PRO B 158 9.56 -2.76 32.99
N PHE B 159 8.29 -2.78 32.61
CA PHE B 159 7.20 -2.71 33.57
C PHE B 159 7.06 -4.01 34.36
N LYS B 160 7.08 -3.89 35.68
CA LYS B 160 6.98 -5.05 36.56
C LYS B 160 5.85 -4.83 37.56
N PRO B 161 5.25 -5.93 38.04
CA PRO B 161 4.14 -5.84 39.00
C PRO B 161 4.44 -4.95 40.20
N CYS B 162 3.39 -4.42 40.81
CA CYS B 162 3.47 -3.51 41.96
C CYS B 162 3.95 -2.10 41.62
N MET B 163 4.08 -1.81 40.33
CA MET B 163 4.42 -0.47 39.86
C MET B 163 3.18 0.41 39.78
N ARG B 164 3.31 1.65 40.26
CA ARG B 164 2.18 2.58 40.31
C ARG B 164 2.18 3.55 39.14
N VAL B 165 1.02 3.77 38.55
CA VAL B 165 0.88 4.72 37.44
C VAL B 165 -0.37 5.59 37.63
N GLU B 166 -0.43 6.67 36.86
CA GLU B 166 -1.64 7.48 36.77
C GLU B 166 -2.34 7.17 35.46
N VAL B 167 -3.60 6.75 35.54
CA VAL B 167 -4.35 6.39 34.35
C VAL B 167 -5.75 7.02 34.38
N VAL B 168 -6.32 7.25 33.21
CA VAL B 168 -7.63 7.87 33.08
C VAL B 168 -8.71 7.03 33.77
N ASP B 169 -9.67 7.70 34.40
CA ASP B 169 -10.78 7.02 35.06
C ASP B 169 -11.81 6.61 34.01
N LYS B 170 -12.13 5.32 33.99
CA LYS B 170 -13.08 4.79 33.01
C LYS B 170 -14.47 5.38 33.19
N ARG B 171 -14.76 5.84 34.40
CA ARG B 171 -16.08 6.36 34.73
C ARG B 171 -16.07 7.89 34.83
N HIS B 172 -14.87 8.47 34.87
CA HIS B 172 -14.72 9.91 34.95
C HIS B 172 -13.51 10.35 34.11
N LEU B 173 -13.73 10.51 32.81
CA LEU B 173 -12.64 10.76 31.86
C LEU B 173 -11.82 12.01 32.17
N CYS B 174 -12.44 13.00 32.80
CA CYS B 174 -11.77 14.27 33.08
C CYS B 174 -10.70 14.14 34.16
N ARG B 175 -10.69 13.01 34.86
CA ARG B 175 -9.74 12.82 35.95
C ARG B 175 -8.91 11.55 35.81
N THR B 176 -7.95 11.40 36.71
CA THR B 176 -7.11 10.21 36.72
C THR B 176 -7.05 9.60 38.11
N ARG B 177 -6.86 8.28 38.16
CA ARG B 177 -6.68 7.58 39.43
C ARG B 177 -5.38 6.81 39.40
N VAL B 178 -4.82 6.54 40.57
CA VAL B 178 -3.60 5.76 40.65
C VAL B 178 -3.91 4.27 40.53
N ALA B 179 -3.26 3.60 39.59
CA ALA B 179 -3.44 2.17 39.38
C ALA B 179 -2.13 1.43 39.59
N VAL B 180 -2.24 0.13 39.85
CA VAL B 180 -1.06 -0.69 40.14
C VAL B 180 -0.96 -1.90 39.21
N VAL B 181 0.22 -2.13 38.65
CA VAL B 181 0.45 -3.26 37.75
C VAL B 181 0.28 -4.58 38.49
N GLU B 182 -0.71 -5.37 38.08
CA GLU B 182 -0.95 -6.68 38.68
C GLU B 182 -0.32 -7.78 37.84
N SER B 183 -0.33 -7.60 36.52
CA SER B 183 0.19 -8.61 35.60
C SER B 183 0.77 -7.97 34.33
N VAL B 184 1.74 -8.66 33.74
CA VAL B 184 2.33 -8.20 32.48
C VAL B 184 2.38 -9.34 31.46
N ILE B 185 1.52 -9.26 30.45
CA ILE B 185 1.51 -10.25 29.38
C ILE B 185 1.76 -9.60 28.03
N GLY B 186 2.82 -10.04 27.34
CA GLY B 186 3.13 -9.56 26.01
C GLY B 186 3.39 -8.07 25.91
N GLY B 187 3.75 -7.45 27.03
CA GLY B 187 3.95 -6.02 27.05
C GLY B 187 2.69 -5.27 27.40
N ARG B 188 1.59 -5.99 27.51
CA ARG B 188 0.31 -5.41 27.91
C ARG B 188 0.17 -5.44 29.42
N LEU B 189 -0.32 -4.34 30.00
CA LEU B 189 -0.44 -4.24 31.43
C LEU B 189 -1.88 -4.48 31.89
N ARG B 190 -2.05 -5.30 32.92
CA ARG B 190 -3.32 -5.36 33.62
C ARG B 190 -3.21 -4.53 34.88
N LEU B 191 -3.85 -3.36 34.87
CA LEU B 191 -3.77 -2.44 35.99
C LEU B 191 -5.01 -2.53 36.88
N VAL B 192 -4.79 -2.63 38.18
CA VAL B 192 -5.88 -2.52 39.14
C VAL B 192 -5.74 -1.22 39.91
N TYR B 193 -6.85 -0.52 40.10
CA TYR B 193 -6.84 0.74 40.84
C TYR B 193 -6.50 0.50 42.30
N GLU B 194 -5.81 1.47 42.92
CA GLU B 194 -5.48 1.39 44.34
C GLU B 194 -6.76 1.34 45.16
N GLU B 195 -7.61 2.35 44.98
CA GLU B 195 -8.92 2.36 45.61
C GLU B 195 -9.95 1.77 44.64
N SER B 196 -10.21 0.49 44.77
CA SER B 196 -11.12 -0.19 43.86
C SER B 196 -12.58 0.17 44.16
N GLU B 197 -13.36 0.35 43.10
CA GLU B 197 -14.79 0.62 43.22
C GLU B 197 -15.55 -0.66 42.90
N ASP B 198 -14.86 -1.57 42.23
CA ASP B 198 -15.45 -2.83 41.79
C ASP B 198 -14.54 -3.96 42.27
N ARG B 199 -15.07 -5.16 42.40
CA ARG B 199 -14.29 -6.29 42.91
C ARG B 199 -13.13 -6.65 41.99
N THR B 200 -13.42 -6.76 40.70
CA THR B 200 -12.39 -7.10 39.71
C THR B 200 -12.18 -5.95 38.74
N ASP B 201 -12.11 -4.73 39.27
CA ASP B 201 -11.94 -3.55 38.43
C ASP B 201 -10.52 -3.46 37.89
N ASP B 202 -10.30 -4.01 36.71
CA ASP B 202 -8.99 -3.96 36.08
C ASP B 202 -8.99 -3.08 34.83
N PHE B 203 -7.81 -2.56 34.49
CA PHE B 203 -7.66 -1.75 33.29
C PHE B 203 -6.53 -2.30 32.43
N TRP B 204 -6.88 -2.83 31.26
CA TRP B 204 -5.90 -3.37 30.34
C TRP B 204 -5.38 -2.32 29.37
N CYS B 205 -4.08 -2.30 29.16
CA CYS B 205 -3.45 -1.39 28.21
C CYS B 205 -2.03 -1.84 27.89
N HIS B 206 -1.48 -1.28 26.82
CA HIS B 206 -0.07 -1.51 26.49
C HIS B 206 0.79 -0.65 27.39
N MET B 207 2.08 -0.97 27.48
CA MET B 207 2.98 -0.23 28.35
C MET B 207 3.41 1.10 27.74
N HIS B 208 3.21 1.26 26.44
CA HIS B 208 3.51 2.51 25.76
C HIS B 208 2.23 3.29 25.48
N SER B 209 1.16 2.89 26.13
CA SER B 209 -0.14 3.54 26.00
C SER B 209 -0.09 5.01 26.39
N PRO B 210 -0.82 5.87 25.66
CA PRO B 210 -0.87 7.30 25.96
C PRO B 210 -1.74 7.60 27.19
N LEU B 211 -2.43 6.59 27.69
CA LEU B 211 -3.35 6.76 28.82
C LEU B 211 -2.67 6.65 30.18
N ILE B 212 -1.48 6.05 30.21
CA ILE B 212 -0.75 5.86 31.47
C ILE B 212 0.40 6.85 31.62
N HIS B 213 0.59 7.33 32.84
CA HIS B 213 1.61 8.34 33.12
C HIS B 213 2.31 8.09 34.46
N HIS B 214 3.37 8.84 34.71
CA HIS B 214 4.12 8.70 35.95
C HIS B 214 3.38 9.37 37.10
N ILE B 215 3.70 8.94 38.32
CA ILE B 215 3.08 9.51 39.52
C ILE B 215 3.46 10.98 39.68
N GLY B 216 2.46 11.86 39.61
CA GLY B 216 2.68 13.28 39.76
C GLY B 216 2.47 14.02 38.45
N TRP B 217 1.97 13.29 37.45
CA TRP B 217 1.78 13.85 36.11
C TRP B 217 0.57 14.77 36.03
N SER B 218 -0.54 14.34 36.60
CA SER B 218 -1.79 15.10 36.55
C SER B 218 -1.65 16.48 37.19
N ARG B 219 -0.86 16.56 38.26
CA ARG B 219 -0.65 17.82 38.95
C ARG B 219 0.23 18.77 38.13
N SER B 220 1.29 18.22 37.55
CA SER B 220 2.25 19.01 36.77
C SER B 220 1.62 19.58 35.50
N ILE B 221 0.79 18.78 34.84
CA ILE B 221 0.15 19.20 33.59
C ILE B 221 -0.98 20.20 33.85
N GLY B 222 -1.81 19.89 34.85
CA GLY B 222 -2.98 20.71 35.14
C GLY B 222 -4.23 19.88 34.98
N HIS B 223 -4.04 18.57 34.87
CA HIS B 223 -5.14 17.63 34.70
C HIS B 223 -5.75 17.31 36.07
N ARG B 224 -7.08 17.26 36.12
CA ARG B 224 -7.77 16.93 37.36
C ARG B 224 -7.44 15.50 37.78
N PHE B 225 -7.23 15.30 39.08
CA PHE B 225 -6.96 13.96 39.60
C PHE B 225 -7.90 13.61 40.76
N LYS B 226 -8.15 12.32 40.93
CA LYS B 226 -9.05 11.85 41.98
C LYS B 226 -8.46 12.13 43.36
N ARG B 227 -9.24 12.77 44.22
CA ARG B 227 -8.80 13.10 45.56
C ARG B 227 -9.27 12.05 46.57
N GLY B 236 3.87 -3.10 49.68
CA GLY B 236 5.18 -2.80 49.13
C GLY B 236 5.17 -2.33 47.69
N HIS B 237 4.26 -1.41 47.37
CA HIS B 237 4.20 -0.83 46.03
C HIS B 237 5.29 0.21 45.86
N PHE B 238 5.55 0.59 44.60
CA PHE B 238 6.51 1.65 44.30
C PHE B 238 6.17 2.34 42.99
N ASP B 239 6.52 3.62 42.90
CA ASP B 239 6.19 4.42 41.73
C ASP B 239 7.00 4.01 40.51
N THR B 240 6.32 3.95 39.36
CA THR B 240 6.99 3.59 38.11
C THR B 240 7.98 4.67 37.72
N PRO B 241 9.24 4.28 37.49
CA PRO B 241 10.30 5.19 37.04
C PRO B 241 9.88 5.93 35.76
N PRO B 242 9.89 7.26 35.79
CA PRO B 242 9.41 8.13 34.71
C PRO B 242 9.97 7.78 33.34
N HIS B 243 11.22 7.32 33.28
CA HIS B 243 11.88 7.05 32.01
C HIS B 243 11.33 5.81 31.29
N LEU B 244 10.48 5.07 31.98
CA LEU B 244 9.88 3.86 31.40
C LEU B 244 8.65 4.20 30.55
N PHE B 245 8.10 5.39 30.75
CA PHE B 245 6.90 5.80 30.04
C PHE B 245 7.20 6.30 28.63
N ALA B 246 6.23 6.13 27.74
CA ALA B 246 6.38 6.55 26.35
C ALA B 246 6.67 8.03 26.21
N LYS B 247 7.60 8.36 25.32
CA LYS B 247 7.98 9.76 25.09
C LYS B 247 6.87 10.52 24.39
N VAL B 248 6.69 11.78 24.79
CA VAL B 248 5.68 12.64 24.18
C VAL B 248 6.35 13.74 23.35
N LYS B 249 5.94 13.85 22.09
CA LYS B 249 6.53 14.82 21.17
C LYS B 249 6.40 16.24 21.69
N GLU B 250 7.53 16.92 21.85
CA GLU B 250 7.57 18.27 22.38
C GLU B 250 7.05 19.29 21.36
N VAL B 251 6.12 20.14 21.80
CA VAL B 251 5.52 21.14 20.91
C VAL B 251 5.80 22.56 21.39
N ASP B 252 5.46 23.53 20.54
CA ASP B 252 5.64 24.94 20.87
C ASP B 252 4.30 25.65 20.92
N GLN B 253 3.76 25.84 22.13
CA GLN B 253 2.46 26.46 22.29
C GLN B 253 2.58 27.92 22.68
N SER B 254 3.72 28.53 22.36
CA SER B 254 3.97 29.93 22.68
C SER B 254 3.30 30.84 21.66
N GLY B 255 3.43 30.51 20.38
CA GLY B 255 2.81 31.29 19.31
C GLY B 255 1.35 30.95 19.14
N GLU B 256 0.93 30.82 17.89
CA GLU B 256 -0.45 30.42 17.59
C GLU B 256 -0.69 29.00 18.08
N TRP B 257 -1.81 28.79 18.76
CA TRP B 257 -2.08 27.49 19.38
C TRP B 257 -3.58 27.24 19.48
N PHE B 258 -3.95 26.13 20.11
CA PHE B 258 -5.35 25.84 20.38
C PHE B 258 -5.91 26.83 21.38
N LYS B 259 -7.12 27.31 21.12
CA LYS B 259 -7.83 28.19 22.04
C LYS B 259 -9.10 27.50 22.49
N GLU B 260 -9.59 27.88 23.66
CA GLU B 260 -10.87 27.37 24.15
C GLU B 260 -12.00 27.84 23.23
N GLY B 261 -12.90 26.93 22.90
CA GLY B 261 -14.02 27.25 22.04
C GLY B 261 -13.81 26.80 20.61
N MET B 262 -12.54 26.61 20.24
CA MET B 262 -12.20 26.13 18.91
C MET B 262 -12.84 24.78 18.61
N LYS B 263 -13.41 24.66 17.41
CA LYS B 263 -14.10 23.44 17.01
C LYS B 263 -13.17 22.51 16.23
N LEU B 264 -13.40 21.21 16.39
CA LEU B 264 -12.60 20.20 15.69
C LEU B 264 -13.37 18.88 15.62
N GLU B 265 -12.73 17.87 15.02
CA GLU B 265 -13.31 16.53 14.98
C GLU B 265 -12.43 15.57 15.77
N ALA B 266 -13.06 14.63 16.48
CA ALA B 266 -12.32 13.73 17.35
C ALA B 266 -13.04 12.40 17.51
N ILE B 267 -12.27 11.35 17.76
CA ILE B 267 -12.82 10.03 18.03
C ILE B 267 -13.36 10.00 19.45
N ASP B 268 -14.60 9.53 19.59
CA ASP B 268 -15.22 9.39 20.91
C ASP B 268 -14.55 8.27 21.68
N PRO B 269 -13.92 8.60 22.83
CA PRO B 269 -13.25 7.59 23.66
C PRO B 269 -14.22 6.54 24.18
N LEU B 270 -15.49 6.90 24.28
CA LEU B 270 -16.50 5.98 24.79
C LEU B 270 -17.19 5.24 23.64
N ASN B 271 -16.78 5.54 22.42
CA ASN B 271 -17.30 4.90 21.22
C ASN B 271 -16.34 5.09 20.05
N LEU B 272 -15.35 4.22 19.95
CA LEU B 272 -14.30 4.37 18.95
C LEU B 272 -14.73 3.95 17.55
N SER B 273 -16.03 3.73 17.38
CA SER B 273 -16.59 3.46 16.06
C SER B 273 -16.92 4.76 15.36
N THR B 274 -16.83 5.86 16.09
CA THR B 274 -17.28 7.15 15.58
C THR B 274 -16.26 8.27 15.72
N ILE B 275 -16.32 9.21 14.78
CA ILE B 275 -15.59 10.46 14.90
C ILE B 275 -16.63 11.56 15.05
N CYS B 276 -16.47 12.41 16.05
CA CYS B 276 -17.53 13.33 16.46
C CYS B 276 -17.17 14.82 16.36
N VAL B 277 -18.21 15.65 16.39
CA VAL B 277 -18.06 17.10 16.53
C VAL B 277 -17.54 17.40 17.94
N ALA B 278 -16.42 18.11 18.02
CA ALA B 278 -15.77 18.32 19.30
C ALA B 278 -15.30 19.77 19.49
N THR B 279 -15.10 20.15 20.75
CA THR B 279 -14.67 21.50 21.09
C THR B 279 -13.53 21.49 22.10
N ILE B 280 -12.55 22.36 21.89
CA ILE B 280 -11.46 22.53 22.86
C ILE B 280 -11.98 23.26 24.09
N ARG B 281 -11.97 22.59 25.23
CA ARG B 281 -12.52 23.17 26.45
C ARG B 281 -11.45 23.73 27.37
N LYS B 282 -10.28 23.09 27.37
CA LYS B 282 -9.16 23.54 28.20
C LYS B 282 -7.82 23.34 27.51
N VAL B 283 -6.93 24.32 27.65
CA VAL B 283 -5.57 24.20 27.15
C VAL B 283 -4.62 23.96 28.32
N LEU B 284 -4.17 22.72 28.48
CA LEU B 284 -3.29 22.35 29.57
C LEU B 284 -1.84 22.62 29.21
N ALA B 285 -0.92 22.21 30.07
CA ALA B 285 0.50 22.37 29.81
C ALA B 285 1.02 21.18 28.98
N ASP B 286 2.26 21.29 28.52
CA ASP B 286 2.89 20.26 27.70
C ASP B 286 2.10 19.88 26.45
N GLY B 287 1.30 20.82 25.94
CA GLY B 287 0.54 20.60 24.73
C GLY B 287 -0.63 19.66 24.87
N PHE B 288 -1.11 19.48 26.10
CA PHE B 288 -2.28 18.64 26.34
C PHE B 288 -3.57 19.44 26.24
N LEU B 289 -4.61 18.80 25.73
CA LEU B 289 -5.90 19.45 25.53
C LEU B 289 -7.04 18.68 26.18
N MET B 290 -7.94 19.41 26.84
CA MET B 290 -9.19 18.84 27.30
C MET B 290 -10.27 19.11 26.25
N ILE B 291 -10.91 18.05 25.77
CA ILE B 291 -11.87 18.17 24.67
C ILE B 291 -13.23 17.59 25.07
N GLY B 292 -14.30 18.26 24.63
CA GLY B 292 -15.65 17.79 24.87
C GLY B 292 -16.38 17.49 23.58
N ILE B 293 -17.32 16.55 23.64
CA ILE B 293 -18.14 16.21 22.49
C ILE B 293 -19.48 16.94 22.59
N ASP B 294 -19.73 17.85 21.66
CA ASP B 294 -20.91 18.71 21.69
C ASP B 294 -22.20 17.90 21.77
N GLY B 295 -23.05 18.23 22.74
CA GLY B 295 -24.31 17.54 22.94
C GLY B 295 -24.24 16.50 24.03
N SER B 296 -23.04 15.96 24.27
CA SER B 296 -22.85 14.93 25.27
C SER B 296 -21.92 15.42 26.38
N GLU B 297 -22.17 16.63 26.86
CA GLU B 297 -21.33 17.21 27.91
C GLU B 297 -22.10 17.51 29.18
N ALA B 298 -21.43 17.32 30.32
CA ALA B 298 -21.97 17.72 31.60
C ALA B 298 -21.45 19.11 31.93
N ALA B 299 -22.18 19.81 32.79
CA ALA B 299 -21.79 21.17 33.17
C ALA B 299 -20.55 21.16 34.06
N ASP B 300 -20.39 20.06 34.80
CA ASP B 300 -19.20 19.86 35.64
C ASP B 300 -17.92 19.95 34.80
N GLY B 301 -18.02 19.58 33.54
CA GLY B 301 -16.86 19.43 32.69
C GLY B 301 -16.19 18.11 33.00
N SER B 302 -16.98 17.18 33.52
CA SER B 302 -16.50 15.88 33.95
C SER B 302 -16.44 14.88 32.80
N ASP B 303 -17.02 15.25 31.66
CA ASP B 303 -17.04 14.38 30.50
C ASP B 303 -15.99 14.76 29.47
N TRP B 304 -15.16 15.74 29.82
CA TRP B 304 -14.07 16.17 28.95
C TRP B 304 -12.96 15.13 28.97
N PHE B 305 -12.55 14.69 27.79
CA PHE B 305 -11.44 13.74 27.69
C PHE B 305 -10.15 14.44 27.29
N CYS B 306 -9.02 13.89 27.73
CA CYS B 306 -7.73 14.51 27.45
C CYS B 306 -7.04 13.94 26.23
N TYR B 307 -6.53 14.82 25.38
CA TYR B 307 -5.83 14.45 24.17
C TYR B 307 -4.62 15.36 23.99
N HIS B 308 -3.48 14.78 23.68
CA HIS B 308 -2.33 15.59 23.32
C HIS B 308 -2.57 16.20 21.95
N ALA B 309 -1.97 17.36 21.70
CA ALA B 309 -2.20 18.10 20.46
C ALA B 309 -1.71 17.34 19.23
N THR B 310 -0.82 16.38 19.44
CA THR B 310 -0.26 15.61 18.33
C THR B 310 -0.94 14.25 18.18
N SER B 311 -2.09 14.09 18.83
CA SER B 311 -2.81 12.82 18.78
C SER B 311 -3.47 12.58 17.43
N PRO B 312 -3.36 11.35 16.93
CA PRO B 312 -4.00 10.95 15.67
C PRO B 312 -5.51 10.77 15.84
N SER B 313 -6.00 10.90 17.07
CA SER B 313 -7.41 10.70 17.36
C SER B 313 -8.23 11.96 17.16
N ILE B 314 -7.56 13.08 16.90
CA ILE B 314 -8.25 14.34 16.62
C ILE B 314 -7.92 14.86 15.23
N PHE B 315 -8.92 15.44 14.57
CA PHE B 315 -8.79 15.90 13.20
C PHE B 315 -9.34 17.31 13.04
N PRO B 316 -8.84 18.06 12.04
CA PRO B 316 -9.39 19.39 11.77
C PRO B 316 -10.81 19.30 11.21
N VAL B 317 -11.51 20.42 11.22
CA VAL B 317 -12.85 20.49 10.65
C VAL B 317 -12.84 20.21 9.16
N GLY B 318 -13.64 19.25 8.73
CA GLY B 318 -13.74 18.91 7.33
C GLY B 318 -12.98 17.65 6.96
N PHE B 319 -12.27 17.09 7.94
CA PHE B 319 -11.50 15.87 7.71
C PHE B 319 -12.39 14.70 7.31
N CYS B 320 -13.52 14.56 8.01
CA CYS B 320 -14.45 13.47 7.73
C CYS B 320 -15.10 13.58 6.35
N GLU B 321 -15.59 14.78 6.03
CA GLU B 321 -16.28 15.01 4.77
C GLU B 321 -15.35 14.85 3.56
N ILE B 322 -14.15 15.39 3.67
CA ILE B 322 -13.20 15.37 2.57
C ILE B 322 -12.66 13.95 2.34
N ASN B 323 -12.71 13.13 3.38
CA ASN B 323 -12.23 11.76 3.30
C ASN B 323 -13.36 10.73 3.28
N MET B 324 -14.58 11.23 3.07
CA MET B 324 -15.77 10.37 2.99
C MET B 324 -15.93 9.49 4.22
N ILE B 325 -15.80 10.11 5.39
CA ILE B 325 -15.97 9.41 6.66
C ILE B 325 -17.22 9.94 7.36
N GLU B 326 -18.04 9.02 7.85
CA GLU B 326 -19.27 9.40 8.55
C GLU B 326 -18.96 10.21 9.81
N LEU B 327 -19.45 11.44 9.85
CA LEU B 327 -19.26 12.30 11.00
C LEU B 327 -20.47 12.26 11.91
N THR B 328 -20.24 12.14 13.21
CA THR B 328 -21.33 12.12 14.18
C THR B 328 -21.69 13.52 14.66
N PRO B 329 -22.89 14.00 14.28
CA PRO B 329 -23.36 15.33 14.69
C PRO B 329 -23.65 15.34 16.18
N PRO B 330 -23.76 16.56 16.77
CA PRO B 330 -24.07 16.65 18.20
C PRO B 330 -25.39 15.97 18.56
N ARG B 331 -25.45 15.40 19.76
CA ARG B 331 -26.66 14.73 20.23
C ARG B 331 -27.83 15.71 20.27
N GLY B 332 -28.84 15.45 19.45
CA GLY B 332 -30.03 16.28 19.41
C GLY B 332 -29.99 17.33 18.33
N TYR B 333 -29.02 17.22 17.42
CA TYR B 333 -28.93 18.16 16.30
C TYR B 333 -29.92 17.77 15.21
N THR B 334 -30.71 18.73 14.76
CA THR B 334 -31.81 18.46 13.85
C THR B 334 -31.48 18.80 12.39
N LYS B 335 -30.71 19.87 12.20
CA LYS B 335 -30.36 20.32 10.86
C LYS B 335 -29.47 19.30 10.15
N LEU B 336 -30.05 18.17 9.77
CA LEU B 336 -29.32 17.11 9.08
C LEU B 336 -29.54 17.23 7.58
N PRO B 337 -28.47 17.01 6.78
CA PRO B 337 -27.12 16.62 7.17
C PRO B 337 -26.38 17.74 7.89
N PHE B 338 -25.62 17.38 8.92
CA PHE B 338 -24.82 18.34 9.66
C PHE B 338 -23.88 19.09 8.73
N LYS B 339 -23.86 20.41 8.85
CA LYS B 339 -22.96 21.23 8.06
C LYS B 339 -22.15 22.14 8.97
N TRP B 340 -20.83 21.99 8.90
CA TRP B 340 -19.92 22.77 9.73
C TRP B 340 -20.13 24.27 9.60
N PHE B 341 -20.38 24.73 8.37
CA PHE B 341 -20.59 26.15 8.12
C PHE B 341 -21.77 26.70 8.92
N ASP B 342 -22.90 26.00 8.86
CA ASP B 342 -24.10 26.40 9.57
C ASP B 342 -23.91 26.29 11.08
N TYR B 343 -23.12 25.31 11.51
CA TYR B 343 -22.90 25.06 12.92
C TYR B 343 -21.94 26.07 13.55
N LEU B 344 -20.92 26.48 12.79
CA LEU B 344 -19.98 27.49 13.26
C LEU B 344 -20.68 28.84 13.44
N ARG B 345 -21.62 29.13 12.55
CA ARG B 345 -22.40 30.36 12.64
C ARG B 345 -23.34 30.34 13.83
N GLU B 346 -24.12 29.26 13.94
CA GLU B 346 -25.10 29.11 15.01
C GLU B 346 -24.47 29.18 16.41
N THR B 347 -23.28 28.62 16.56
CA THR B 347 -22.63 28.56 17.86
C THR B 347 -21.65 29.72 18.06
N GLY B 348 -21.40 30.48 17.00
CA GLY B 348 -20.49 31.61 17.07
C GLY B 348 -19.08 31.20 17.45
N SER B 349 -18.48 30.32 16.65
CA SER B 349 -17.16 29.78 16.97
C SER B 349 -16.35 29.50 15.71
N ILE B 350 -15.03 29.46 15.87
CA ILE B 350 -14.13 29.16 14.76
C ILE B 350 -13.59 27.74 14.86
N ALA B 351 -13.18 27.20 13.73
CA ALA B 351 -12.53 25.90 13.70
C ALA B 351 -11.06 26.06 14.06
N ALA B 352 -10.51 25.07 14.75
CA ALA B 352 -9.07 25.07 15.02
C ALA B 352 -8.32 25.01 13.70
N PRO B 353 -7.37 25.93 13.49
CA PRO B 353 -6.57 25.99 12.27
C PRO B 353 -5.94 24.65 11.90
N VAL B 354 -6.03 24.28 10.63
CA VAL B 354 -5.53 23.00 10.13
C VAL B 354 -4.03 22.82 10.39
N LYS B 355 -3.30 23.93 10.48
CA LYS B 355 -1.86 23.89 10.70
C LYS B 355 -1.49 23.19 12.01
N LEU B 356 -2.39 23.25 12.99
CA LEU B 356 -2.11 22.67 14.31
C LEU B 356 -2.12 21.14 14.28
N PHE B 357 -2.69 20.57 13.23
CA PHE B 357 -2.82 19.11 13.13
C PHE B 357 -1.73 18.49 12.26
N ASN B 358 -0.76 19.30 11.85
CA ASN B 358 0.32 18.81 10.99
C ASN B 358 1.11 17.66 11.62
N LYS B 359 1.06 16.51 10.98
CA LYS B 359 1.76 15.34 11.48
C LYS B 359 2.23 14.46 10.34
N ASP B 360 3.13 13.52 10.64
CA ASP B 360 3.70 12.66 9.62
C ASP B 360 2.78 11.49 9.30
N VAL B 361 2.73 11.09 8.04
CA VAL B 361 2.03 9.88 7.64
C VAL B 361 3.06 8.82 7.30
N PRO B 362 3.32 7.91 8.25
CA PRO B 362 4.34 6.87 8.08
C PRO B 362 3.97 5.87 7.01
N ASN B 363 4.97 5.33 6.32
CA ASN B 363 4.75 4.24 5.38
C ASN B 363 4.56 2.94 6.15
N HIS B 364 3.38 2.79 6.75
CA HIS B 364 3.12 1.74 7.72
C HIS B 364 3.12 0.32 7.14
N GLY B 365 2.73 0.19 5.87
CA GLY B 365 2.73 -1.11 5.22
C GLY B 365 1.41 -1.83 5.29
N PHE B 366 0.43 -1.24 5.97
CA PHE B 366 -0.89 -1.86 6.06
C PHE B 366 -1.63 -1.78 4.73
N ARG B 367 -2.40 -2.82 4.44
CA ARG B 367 -3.19 -2.89 3.21
C ARG B 367 -4.58 -3.41 3.55
N VAL B 368 -5.59 -2.91 2.85
CA VAL B 368 -6.97 -3.33 3.08
C VAL B 368 -7.16 -4.83 2.86
N GLY B 369 -7.73 -5.50 3.86
CA GLY B 369 -8.00 -6.92 3.76
C GLY B 369 -7.05 -7.75 4.61
N MET B 370 -5.98 -7.12 5.09
CA MET B 370 -4.98 -7.80 5.89
C MET B 370 -5.53 -8.24 7.25
N LYS B 371 -5.05 -9.38 7.72
CA LYS B 371 -5.48 -9.90 9.01
C LYS B 371 -4.48 -9.53 10.11
N LEU B 372 -5.02 -9.26 11.30
CA LEU B 372 -4.19 -9.01 12.46
C LEU B 372 -4.97 -9.35 13.73
N GLU B 373 -4.31 -9.17 14.88
CA GLU B 373 -4.95 -9.40 16.17
C GLU B 373 -5.16 -8.06 16.88
N ALA B 374 -6.41 -7.68 17.06
CA ALA B 374 -6.74 -6.35 17.59
C ALA B 374 -7.41 -6.38 18.96
N VAL B 375 -6.99 -5.46 19.82
CA VAL B 375 -7.64 -5.25 21.10
C VAL B 375 -9.02 -4.63 20.87
N ASP B 376 -10.05 -5.22 21.47
CA ASP B 376 -11.37 -4.58 21.47
C ASP B 376 -11.26 -3.35 22.35
N LEU B 377 -11.30 -2.17 21.74
CA LEU B 377 -11.10 -0.93 22.50
C LEU B 377 -12.25 -0.59 23.42
N MET B 378 -13.41 -1.21 23.18
CA MET B 378 -14.58 -1.02 24.05
C MET B 378 -14.52 -1.98 25.24
N GLU B 379 -13.72 -3.02 25.11
CA GLU B 379 -13.49 -3.98 26.19
C GLU B 379 -12.06 -4.50 26.11
N PRO B 380 -11.09 -3.67 26.55
CA PRO B 380 -9.64 -3.85 26.37
C PRO B 380 -9.08 -5.22 26.77
N ARG B 381 -9.80 -6.01 27.56
CA ARG B 381 -9.31 -7.33 27.94
C ARG B 381 -9.36 -8.28 26.75
N LEU B 382 -10.17 -7.94 25.74
CA LEU B 382 -10.36 -8.81 24.59
C LEU B 382 -9.39 -8.48 23.46
N ILE B 383 -8.75 -9.51 22.91
CA ILE B 383 -7.95 -9.39 21.70
C ILE B 383 -8.47 -10.42 20.69
N CYS B 384 -8.85 -9.93 19.51
CA CYS B 384 -9.65 -10.72 18.58
C CYS B 384 -9.05 -10.83 17.17
N VAL B 385 -9.52 -11.82 16.44
CA VAL B 385 -9.22 -11.95 15.01
C VAL B 385 -9.84 -10.76 14.29
N ALA B 386 -9.02 -9.95 13.63
CA ALA B 386 -9.50 -8.70 13.03
C ALA B 386 -8.98 -8.46 11.62
N THR B 387 -9.62 -7.51 10.92
CA THR B 387 -9.29 -7.19 9.53
C THR B 387 -9.26 -5.69 9.30
N VAL B 388 -8.24 -5.21 8.58
CA VAL B 388 -8.18 -3.83 8.15
C VAL B 388 -9.07 -3.66 6.92
N THR B 389 -10.12 -2.86 7.04
CA THR B 389 -11.08 -2.70 5.94
C THR B 389 -10.99 -1.35 5.24
N ARG B 390 -10.49 -0.34 5.93
CA ARG B 390 -10.26 0.97 5.33
C ARG B 390 -8.97 1.59 5.84
N ILE B 391 -8.30 2.34 4.97
CA ILE B 391 -7.13 3.11 5.36
C ILE B 391 -7.27 4.56 4.89
N ILE B 392 -7.24 5.48 5.84
CA ILE B 392 -7.23 6.90 5.51
C ILE B 392 -5.96 7.53 6.10
N HIS B 393 -4.90 7.51 5.31
CA HIS B 393 -3.58 7.96 5.74
C HIS B 393 -3.07 7.16 6.94
N ARG B 394 -3.13 7.75 8.13
CA ARG B 394 -2.71 7.07 9.34
C ARG B 394 -3.84 6.20 9.87
N LEU B 395 -5.07 6.59 9.53
CA LEU B 395 -6.26 6.02 10.14
C LEU B 395 -6.67 4.68 9.52
N LEU B 396 -6.83 3.67 10.37
CA LEU B 396 -7.27 2.35 9.93
C LEU B 396 -8.65 2.05 10.46
N ARG B 397 -9.47 1.41 9.64
CA ARG B 397 -10.76 0.92 10.09
C ARG B 397 -10.61 -0.56 10.43
N ILE B 398 -10.79 -0.89 11.71
CA ILE B 398 -10.57 -2.26 12.18
C ILE B 398 -11.89 -3.03 12.34
N HIS B 399 -12.02 -4.12 11.59
CA HIS B 399 -13.21 -4.96 11.64
C HIS B 399 -12.95 -6.25 12.41
N PHE B 400 -13.89 -6.61 13.27
CA PHE B 400 -13.80 -7.87 14.02
C PHE B 400 -14.56 -8.96 13.28
N ASP B 401 -13.83 -9.94 12.76
CA ASP B 401 -14.40 -10.98 11.90
C ASP B 401 -15.56 -11.72 12.55
N GLY B 402 -16.66 -11.83 11.82
CA GLY B 402 -17.84 -12.55 12.29
C GLY B 402 -18.87 -11.61 12.89
N TRP B 403 -18.41 -10.49 13.43
CA TRP B 403 -19.30 -9.52 14.05
C TRP B 403 -19.76 -8.49 13.01
N GLU B 404 -20.62 -7.58 13.45
CA GLU B 404 -21.26 -6.62 12.55
C GLU B 404 -20.36 -5.42 12.28
N GLU B 405 -20.46 -4.86 11.07
CA GLU B 405 -19.66 -3.71 10.66
C GLU B 405 -19.89 -2.52 11.59
N GLU B 406 -21.08 -2.48 12.18
CA GLU B 406 -21.49 -1.43 13.12
C GLU B 406 -20.45 -1.20 14.23
N TYR B 407 -19.74 -2.26 14.61
CA TYR B 407 -18.81 -2.18 15.73
C TYR B 407 -17.34 -2.08 15.32
N ASP B 408 -17.08 -1.74 14.05
CA ASP B 408 -15.72 -1.48 13.61
C ASP B 408 -15.16 -0.27 14.33
N GLN B 409 -13.84 -0.20 14.48
CA GLN B 409 -13.22 0.86 15.27
C GLN B 409 -12.18 1.66 14.48
N TRP B 410 -12.10 2.95 14.77
CA TRP B 410 -11.04 3.78 14.20
C TRP B 410 -9.77 3.65 15.03
N VAL B 411 -8.72 3.14 14.40
CA VAL B 411 -7.45 2.91 15.08
C VAL B 411 -6.29 3.45 14.26
N ASP B 412 -5.38 4.16 14.92
CA ASP B 412 -4.20 4.71 14.26
C ASP B 412 -3.23 3.60 13.87
N CYS B 413 -2.49 3.81 12.79
CA CYS B 413 -1.57 2.81 12.27
C CYS B 413 -0.44 2.48 13.23
N GLU B 414 -0.09 3.41 14.10
CA GLU B 414 0.98 3.20 15.07
C GLU B 414 0.44 2.93 16.47
N SER B 415 -0.79 2.44 16.55
CA SER B 415 -1.37 2.08 17.83
C SER B 415 -0.74 0.82 18.39
N PRO B 416 -0.45 0.81 19.70
CA PRO B 416 0.11 -0.36 20.38
C PRO B 416 -0.98 -1.35 20.75
N ASP B 417 -2.20 -1.11 20.29
CA ASP B 417 -3.31 -2.03 20.55
C ASP B 417 -3.61 -2.91 19.34
N LEU B 418 -2.68 -2.96 18.40
CA LEU B 418 -2.78 -3.84 17.23
C LEU B 418 -1.59 -4.79 17.22
N TYR B 419 -1.83 -6.05 16.87
CA TYR B 419 -0.75 -7.04 16.96
C TYR B 419 -0.69 -7.96 15.73
N PRO B 420 0.52 -8.43 15.39
CA PRO B 420 0.66 -9.36 14.27
C PRO B 420 -0.07 -10.67 14.53
N VAL B 421 -0.48 -11.35 13.46
CA VAL B 421 -1.05 -12.68 13.59
C VAL B 421 -0.05 -13.62 14.26
N GLY B 422 -0.44 -14.18 15.40
CA GLY B 422 0.42 -15.10 16.13
C GLY B 422 0.91 -14.52 17.45
N TRP B 423 0.59 -13.25 17.69
CA TRP B 423 1.03 -12.57 18.91
C TRP B 423 0.48 -13.21 20.18
N CYS B 424 -0.78 -13.62 20.14
CA CYS B 424 -1.41 -14.25 21.31
C CYS B 424 -0.75 -15.60 21.61
N GLN B 425 -0.59 -16.41 20.58
CA GLN B 425 0.07 -17.70 20.71
C GLN B 425 1.49 -17.54 21.24
N LEU B 426 2.18 -16.50 20.76
CA LEU B 426 3.56 -16.23 21.14
C LEU B 426 3.67 -15.78 22.60
N THR B 427 2.69 -15.02 23.07
CA THR B 427 2.74 -14.43 24.40
C THR B 427 1.88 -15.18 25.41
N GLY B 428 1.00 -16.04 24.92
CA GLY B 428 0.15 -16.83 25.81
C GLY B 428 -1.16 -16.14 26.17
N TYR B 429 -1.41 -14.99 25.56
CA TYR B 429 -2.66 -14.28 25.78
C TYR B 429 -3.78 -15.01 25.03
N GLN B 430 -4.99 -14.98 25.58
CA GLN B 430 -6.11 -15.65 24.94
C GLN B 430 -6.62 -14.86 23.73
N LEU B 431 -6.86 -15.57 22.64
CA LEU B 431 -7.34 -14.94 21.41
C LEU B 431 -8.82 -15.22 21.18
N GLN B 432 -9.59 -14.18 20.91
CA GLN B 432 -11.00 -14.34 20.60
C GLN B 432 -11.18 -14.69 19.13
N PRO B 433 -11.70 -15.90 18.86
CA PRO B 433 -11.91 -16.37 17.49
C PRO B 433 -13.04 -15.59 16.82
N PRO B 434 -13.13 -15.67 15.48
CA PRO B 434 -14.27 -15.04 14.80
C PRO B 434 -15.59 -15.62 15.27
N ALA B 435 -16.64 -14.81 15.28
CA ALA B 435 -17.93 -15.23 15.83
C ALA B 435 -18.59 -16.32 14.97
N SER B 436 -19.42 -17.14 15.63
CA SER B 436 -20.17 -18.21 14.98
C SER B 436 -19.27 -19.18 14.21
N GLU C 8 -4.81 -24.86 -13.09
CA GLU C 8 -5.08 -26.17 -13.70
C GLU C 8 -3.79 -26.98 -13.87
N GLN C 9 -3.90 -28.29 -13.70
CA GLN C 9 -2.75 -29.19 -13.81
C GLN C 9 -2.81 -30.03 -15.08
N LYS C 10 -1.66 -30.23 -15.71
CA LYS C 10 -1.55 -31.01 -16.94
C LYS C 10 -0.33 -31.92 -16.91
N GLN C 11 -0.22 -32.79 -17.91
CA GLN C 11 0.97 -33.63 -18.06
C GLN C 11 1.97 -33.00 -19.01
N VAL C 12 3.02 -32.42 -18.45
CA VAL C 12 4.01 -31.67 -19.21
C VAL C 12 5.11 -32.58 -19.76
N GLN C 13 5.40 -32.43 -21.05
CA GLN C 13 6.39 -33.26 -21.71
C GLN C 13 7.82 -32.77 -21.46
N ILE C 14 8.73 -33.70 -21.21
CA ILE C 14 10.14 -33.35 -21.00
C ILE C 14 11.07 -34.20 -21.87
N LYS C 15 11.93 -33.55 -22.65
CA LYS C 15 12.90 -34.27 -23.47
C LYS C 15 14.32 -33.87 -23.12
N THR C 16 15.15 -34.86 -22.81
CA THR C 16 16.54 -34.63 -22.44
C THR C 16 17.39 -35.86 -22.72
N PHE C 21 10.47 -38.38 -21.62
CA PHE C 21 9.59 -38.72 -20.50
C PHE C 21 8.65 -37.57 -20.17
N SER C 22 7.82 -37.74 -19.15
CA SER C 22 6.84 -36.72 -18.80
C SER C 22 6.82 -36.37 -17.31
N VAL C 23 6.41 -35.14 -17.02
CA VAL C 23 6.21 -34.67 -15.64
C VAL C 23 4.86 -33.95 -15.57
N THR C 24 4.27 -33.87 -14.38
CA THR C 24 2.94 -33.26 -14.21
C THR C 24 2.99 -31.95 -13.41
N MET C 25 2.57 -30.85 -14.04
CA MET C 25 2.71 -29.51 -13.44
C MET C 25 1.45 -28.66 -13.47
N TRP C 26 1.42 -27.61 -12.63
CA TRP C 26 0.30 -26.68 -12.55
C TRP C 26 0.55 -25.43 -13.39
N SER C 27 -0.48 -25.01 -14.13
CA SER C 27 -0.37 -23.81 -14.95
C SER C 27 -1.25 -22.68 -14.40
#